data_1T3D
#
_entry.id   1T3D
#
_cell.length_a   121.980
_cell.length_b   121.980
_cell.length_c   127.520
_cell.angle_alpha   90.00
_cell.angle_beta   90.00
_cell.angle_gamma   120.00
#
_symmetry.space_group_name_H-M   'P 32 2 1'
#
loop_
_entity.id
_entity.type
_entity.pdbx_description
1 polymer 'Serine acetyltransferase'
2 non-polymer CYSTEINE
3 water water
#
_entity_poly.entity_id   1
_entity_poly.type   'polypeptide(L)'
_entity_poly.pdbx_seq_one_letter_code
;HHHHHHSSGLVPRGSH(MSE)SCEELEIVWNNIKAEARTLADCEP(MSE)LASFYHATLLKHENLGSALSY(MSE)LANK
LSSPI(MSE)PAIAIREVVEEAYAADPE(MSE)IASAACDIQAVRTRDPAVDKYSTPLLYLKGFHALQAYRIGHWLWNQG
RRALAIFLQNQVSVTFQVDIHPAAKIGRGI(MSE)LDHATGIVVGETAVIENDVSILQSVTLGGTGKSGGDRHPKIREGV
(MSE)IGAGAKILGNIEVGRGAKIGAGSVVLQPVPPHTTAAGVPARIVGKPDSDKPS(MSE)D(MSE)DQHFNGINHTFE
YGDGI
;
_entity_poly.pdbx_strand_id   A,B,C
#
# COMPACT_ATOMS: atom_id res chain seq x y z
N MSE A 17 -28.90 -9.09 12.25
CA MSE A 17 -28.65 -10.26 11.34
C MSE A 17 -29.15 -11.53 12.01
O MSE A 17 -28.43 -12.18 12.76
CB MSE A 17 -27.17 -10.36 10.96
CG MSE A 17 -26.82 -11.46 9.91
SE MSE A 17 -27.63 -11.18 8.13
CE MSE A 17 -26.92 -9.29 7.65
N SER A 18 -30.40 -11.87 11.72
CA SER A 18 -31.00 -13.11 12.21
C SER A 18 -30.61 -14.25 11.29
N CYS A 19 -30.86 -15.45 11.75
CA CYS A 19 -30.52 -16.64 10.98
C CYS A 19 -31.34 -16.72 9.65
N GLU A 20 -32.55 -16.14 9.61
CA GLU A 20 -33.36 -16.10 8.37
C GLU A 20 -32.78 -15.12 7.38
N GLU A 21 -32.44 -13.93 7.86
CA GLU A 21 -31.84 -12.88 7.01
C GLU A 21 -30.46 -13.29 6.44
N LEU A 22 -29.69 -14.05 7.21
CA LEU A 22 -28.42 -14.63 6.76
C LEU A 22 -28.67 -15.51 5.53
N GLU A 23 -29.62 -16.46 5.64
CA GLU A 23 -29.92 -17.37 4.54
C GLU A 23 -30.36 -16.59 3.29
N ILE A 24 -30.96 -15.41 3.45
CA ILE A 24 -31.37 -14.63 2.29
C ILE A 24 -30.18 -13.92 1.63
N VAL A 25 -29.26 -13.40 2.42
CA VAL A 25 -28.00 -12.90 1.86
C VAL A 25 -27.31 -14.03 1.07
N TRP A 26 -27.29 -15.23 1.63
CA TRP A 26 -26.60 -16.33 0.98
C TRP A 26 -27.29 -16.73 -0.33
N ASN A 27 -28.62 -16.79 -0.28
CA ASN A 27 -29.43 -17.14 -1.47
C ASN A 27 -29.24 -16.15 -2.59
N ASN A 28 -29.14 -14.87 -2.26
CA ASN A 28 -28.83 -13.81 -3.24
C ASN A 28 -27.45 -13.95 -3.83
N ILE A 29 -26.46 -14.27 -2.99
CA ILE A 29 -25.11 -14.50 -3.48
C ILE A 29 -25.13 -15.64 -4.51
N LYS A 30 -25.82 -16.75 -4.19
CA LYS A 30 -25.87 -17.89 -5.10
C LYS A 30 -26.59 -17.54 -6.37
N ALA A 31 -27.72 -16.86 -6.25
CA ALA A 31 -28.45 -16.40 -7.46
C ALA A 31 -27.54 -15.57 -8.35
N GLU A 32 -26.79 -14.65 -7.76
CA GLU A 32 -25.86 -13.82 -8.55
C GLU A 32 -24.83 -14.71 -9.21
N ALA A 33 -24.34 -15.69 -8.46
CA ALA A 33 -23.25 -16.52 -8.95
C ALA A 33 -23.60 -17.27 -10.22
N ARG A 34 -24.84 -17.73 -10.33
CA ARG A 34 -25.30 -18.51 -11.50
C ARG A 34 -25.20 -17.68 -12.74
N THR A 35 -25.65 -16.43 -12.66
CA THR A 35 -25.58 -15.48 -13.77
C THR A 35 -24.14 -15.18 -14.11
N LEU A 36 -23.30 -14.98 -13.10
CA LEU A 36 -21.90 -14.68 -13.35
C LEU A 36 -21.23 -15.84 -14.11
N ALA A 37 -21.51 -17.07 -13.67
CA ALA A 37 -20.93 -18.26 -14.30
C ALA A 37 -21.35 -18.40 -15.77
N ASP A 38 -22.59 -18.05 -16.10
CA ASP A 38 -23.08 -18.13 -17.49
C ASP A 38 -22.47 -17.06 -18.38
N CYS A 39 -22.02 -15.94 -17.82
CA CYS A 39 -21.52 -14.83 -18.62
C CYS A 39 -20.04 -14.78 -18.86
N GLU A 40 -19.25 -15.47 -18.06
CA GLU A 40 -17.80 -15.35 -18.14
C GLU A 40 -17.12 -16.71 -18.06
N PRO A 41 -16.96 -17.36 -19.19
CA PRO A 41 -16.46 -18.74 -19.18
C PRO A 41 -15.09 -18.93 -18.52
N MSE A 42 -14.25 -17.91 -18.52
CA MSE A 42 -12.94 -18.00 -17.88
C MSE A 42 -13.04 -18.08 -16.35
O MSE A 42 -12.14 -18.62 -15.69
CB MSE A 42 -12.14 -16.78 -18.24
CG MSE A 42 -11.84 -16.72 -19.75
SE MSE A 42 -10.31 -15.51 -20.07
CE MSE A 42 -8.84 -16.58 -19.25
N LEU A 43 -14.11 -17.51 -15.81
CA LEU A 43 -14.34 -17.51 -14.40
C LEU A 43 -15.48 -18.46 -13.95
N ALA A 44 -16.05 -19.25 -14.86
CA ALA A 44 -17.17 -20.14 -14.49
C ALA A 44 -16.78 -21.09 -13.37
N SER A 45 -15.64 -21.71 -13.52
CA SER A 45 -15.15 -22.66 -12.51
C SER A 45 -14.79 -21.99 -11.17
N PHE A 46 -14.34 -20.75 -11.20
CA PHE A 46 -14.01 -19.95 -10.00
C PHE A 46 -15.29 -19.66 -9.23
N TYR A 47 -16.31 -19.17 -9.93
CA TYR A 47 -17.62 -18.96 -9.33
C TYR A 47 -18.23 -20.23 -8.74
N HIS A 48 -18.04 -21.36 -9.42
CA HIS A 48 -18.58 -22.61 -8.97
C HIS A 48 -17.90 -23.05 -7.65
N ALA A 49 -16.60 -22.89 -7.61
CA ALA A 49 -15.81 -23.41 -6.52
C ALA A 49 -16.01 -22.51 -5.28
N THR A 50 -16.05 -21.19 -5.50
CA THR A 50 -16.14 -20.21 -4.42
C THR A 50 -17.56 -20.10 -3.89
N LEU A 51 -18.53 -20.11 -4.78
CA LEU A 51 -19.93 -19.84 -4.40
C LEU A 51 -20.96 -21.01 -4.64
N LEU A 52 -21.11 -21.49 -5.86
CA LEU A 52 -22.23 -22.38 -6.23
C LEU A 52 -22.15 -23.73 -5.53
N LYS A 53 -20.95 -24.18 -5.16
CA LYS A 53 -20.77 -25.41 -4.36
C LYS A 53 -21.05 -25.33 -2.86
N HIS A 54 -21.16 -24.15 -2.31
CA HIS A 54 -21.30 -24.06 -0.88
C HIS A 54 -22.78 -23.89 -0.57
N GLU A 55 -23.15 -24.38 0.60
CA GLU A 55 -24.53 -24.31 1.00
C GLU A 55 -24.79 -23.19 2.02
N ASN A 56 -23.75 -22.49 2.43
CA ASN A 56 -23.91 -21.38 3.37
C ASN A 56 -22.75 -20.41 3.30
N LEU A 57 -22.94 -19.23 3.88
CA LEU A 57 -21.92 -18.17 3.81
C LEU A 57 -20.61 -18.59 4.49
N GLY A 58 -20.73 -19.35 5.57
CA GLY A 58 -19.56 -19.80 6.32
C GLY A 58 -18.56 -20.62 5.51
N SER A 59 -19.07 -21.57 4.74
CA SER A 59 -18.20 -22.41 3.88
C SER A 59 -17.53 -21.59 2.80
N ALA A 60 -18.31 -20.68 2.21
CA ALA A 60 -17.79 -19.79 1.15
C ALA A 60 -16.70 -18.88 1.72
N LEU A 61 -16.96 -18.36 2.89
CA LEU A 61 -15.98 -17.51 3.57
C LEU A 61 -14.66 -18.22 3.91
N SER A 62 -14.72 -19.43 4.45
CA SER A 62 -13.47 -20.19 4.82
C SER A 62 -12.72 -20.53 3.59
N TYR A 63 -13.47 -20.88 2.55
CA TYR A 63 -12.87 -21.06 1.25
C TYR A 63 -12.06 -19.88 0.76
N MSE A 64 -12.69 -18.71 0.73
CA MSE A 64 -12.04 -17.48 0.24
C MSE A 64 -10.86 -17.12 1.13
O MSE A 64 -9.84 -16.71 0.66
CB MSE A 64 -12.98 -16.28 0.23
CG MSE A 64 -14.15 -16.35 -0.72
SE MSE A 64 -13.61 -16.45 -2.64
CE MSE A 64 -12.02 -15.32 -2.66
N LEU A 65 -11.02 -17.21 2.43
CA LEU A 65 -9.91 -16.86 3.31
C LEU A 65 -8.71 -17.77 3.18
N ALA A 66 -8.97 -19.07 3.12
CA ALA A 66 -7.92 -20.07 2.97
C ALA A 66 -7.15 -19.87 1.67
N ASN A 67 -7.86 -19.63 0.58
CA ASN A 67 -7.19 -19.44 -0.69
C ASN A 67 -6.39 -18.14 -0.78
N LYS A 68 -6.88 -17.07 -0.18
CA LYS A 68 -6.25 -15.79 -0.37
C LYS A 68 -5.01 -15.57 0.51
N LEU A 69 -5.05 -16.08 1.73
CA LEU A 69 -3.97 -16.03 2.72
C LEU A 69 -2.90 -17.15 2.59
N SER A 70 -3.17 -18.11 1.71
CA SER A 70 -2.27 -19.20 1.42
C SER A 70 -0.82 -18.76 1.20
N SER A 71 0.14 -19.43 1.80
CA SER A 71 1.58 -19.15 1.57
C SER A 71 2.38 -20.45 1.71
N PRO A 72 3.65 -20.46 1.31
CA PRO A 72 4.49 -21.65 1.58
C PRO A 72 4.56 -21.95 3.11
N ILE A 73 4.56 -20.94 3.96
CA ILE A 73 4.56 -21.18 5.41
C ILE A 73 3.26 -21.86 5.87
N MSE A 74 2.12 -21.52 5.25
CA MSE A 74 0.87 -22.20 5.60
C MSE A 74 -0.13 -22.27 4.47
O MSE A 74 -0.62 -21.25 4.03
CB MSE A 74 0.20 -21.49 6.76
CG MSE A 74 -0.87 -22.31 7.37
SE MSE A 74 -1.39 -21.55 9.11
CE MSE A 74 -1.42 -19.74 8.60
N PRO A 75 -0.44 -23.47 4.01
CA PRO A 75 -1.29 -23.63 2.83
C PRO A 75 -2.73 -23.48 3.12
N ALA A 76 -3.47 -23.26 2.02
CA ALA A 76 -4.90 -23.04 2.05
C ALA A 76 -5.64 -24.07 2.84
N ILE A 77 -5.24 -25.33 2.67
CA ILE A 77 -5.97 -26.44 3.25
C ILE A 77 -5.88 -26.40 4.80
N ALA A 78 -4.72 -26.00 5.31
CA ALA A 78 -4.49 -25.85 6.75
C ALA A 78 -5.18 -24.59 7.36
N ILE A 79 -5.00 -23.45 6.70
CA ILE A 79 -5.74 -22.23 7.01
C ILE A 79 -7.24 -22.52 7.14
N ARG A 80 -7.81 -23.27 6.20
CA ARG A 80 -9.26 -23.49 6.22
C ARG A 80 -9.77 -24.19 7.45
N GLU A 81 -9.04 -25.19 7.93
CA GLU A 81 -9.50 -25.84 9.17
C GLU A 81 -9.51 -24.87 10.36
N VAL A 82 -8.56 -23.96 10.39
CA VAL A 82 -8.45 -22.99 11.47
C VAL A 82 -9.67 -22.08 11.38
N VAL A 83 -9.96 -21.61 10.17
CA VAL A 83 -11.10 -20.77 9.95
C VAL A 83 -12.41 -21.46 10.34
N GLU A 84 -12.55 -22.73 9.95
CA GLU A 84 -13.80 -23.46 10.23
C GLU A 84 -13.90 -23.78 11.69
N GLU A 85 -12.77 -24.03 12.32
CA GLU A 85 -12.79 -24.25 13.77
C GLU A 85 -13.33 -22.97 14.46
N ALA A 86 -12.88 -21.81 14.02
CA ALA A 86 -13.29 -20.55 14.64
C ALA A 86 -14.77 -20.31 14.40
N TYR A 87 -15.23 -20.52 13.17
CA TYR A 87 -16.65 -20.38 12.88
C TYR A 87 -17.53 -21.34 13.65
N ALA A 88 -17.11 -22.58 13.84
CA ALA A 88 -17.87 -23.52 14.70
C ALA A 88 -17.97 -23.03 16.12
N ALA A 89 -16.90 -22.50 16.68
CA ALA A 89 -16.94 -22.02 18.05
C ALA A 89 -17.66 -20.66 18.21
N ASP A 90 -17.69 -19.82 17.15
CA ASP A 90 -18.29 -18.47 17.26
C ASP A 90 -18.96 -18.15 15.91
N PRO A 91 -20.11 -18.78 15.68
CA PRO A 91 -20.84 -18.59 14.41
C PRO A 91 -21.28 -17.15 14.19
N GLU A 92 -21.35 -16.33 15.24
CA GLU A 92 -21.62 -14.91 15.06
C GLU A 92 -20.63 -14.21 14.15
N MSE A 93 -19.44 -14.76 14.02
CA MSE A 93 -18.49 -14.24 13.06
C MSE A 93 -19.00 -14.29 11.64
O MSE A 93 -18.68 -13.41 10.84
CB MSE A 93 -17.13 -14.92 13.15
CG MSE A 93 -16.38 -14.44 14.37
SE MSE A 93 -14.57 -15.32 14.43
CE MSE A 93 -15.12 -17.07 14.62
N ILE A 94 -19.80 -15.29 11.33
CA ILE A 94 -20.37 -15.42 9.99
C ILE A 94 -21.47 -14.38 9.81
N ALA A 95 -22.28 -14.20 10.85
CA ALA A 95 -23.28 -13.10 10.84
C ALA A 95 -22.61 -11.73 10.66
N SER A 96 -21.45 -11.57 11.26
CA SER A 96 -20.73 -10.30 11.22
C SER A 96 -20.30 -10.05 9.77
N ALA A 97 -19.74 -11.07 9.11
CA ALA A 97 -19.39 -11.01 7.69
C ALA A 97 -20.57 -10.63 6.81
N ALA A 98 -21.73 -11.25 7.06
CA ALA A 98 -22.95 -10.93 6.33
C ALA A 98 -23.36 -9.47 6.47
N CYS A 99 -23.21 -8.90 7.66
CA CYS A 99 -23.46 -7.48 7.84
C CYS A 99 -22.44 -6.62 7.14
N ASP A 100 -21.19 -7.07 7.15
CA ASP A 100 -20.13 -6.35 6.48
C ASP A 100 -20.40 -6.37 4.97
N ILE A 101 -20.91 -7.47 4.48
CA ILE A 101 -21.26 -7.52 3.05
C ILE A 101 -22.38 -6.53 2.70
N GLN A 102 -23.44 -6.51 3.50
CA GLN A 102 -24.52 -5.55 3.32
C GLN A 102 -24.00 -4.13 3.43
N ALA A 103 -23.11 -3.85 4.37
CA ALA A 103 -22.50 -2.53 4.48
C ALA A 103 -21.92 -2.11 3.14
N VAL A 104 -21.11 -2.98 2.54
CA VAL A 104 -20.45 -2.60 1.28
C VAL A 104 -21.48 -2.39 0.14
N ARG A 105 -22.41 -3.31 0.03
CA ARG A 105 -23.35 -3.24 -1.07
C ARG A 105 -24.24 -2.00 -0.97
N THR A 106 -24.68 -1.68 0.23
CA THR A 106 -25.54 -0.51 0.38
C THR A 106 -24.76 0.82 0.38
N ARG A 107 -23.51 0.84 0.82
CA ARG A 107 -22.80 2.11 0.99
C ARG A 107 -21.85 2.46 -0.15
N ASP A 108 -21.42 1.48 -0.90
CA ASP A 108 -20.45 1.66 -1.97
C ASP A 108 -21.12 1.57 -3.34
N PRO A 109 -21.24 2.69 -4.04
CA PRO A 109 -21.94 2.71 -5.33
C PRO A 109 -21.25 1.93 -6.42
N ALA A 110 -19.98 1.61 -6.24
CA ALA A 110 -19.30 0.74 -7.16
C ALA A 110 -19.67 -0.74 -6.98
N VAL A 111 -20.42 -1.07 -5.95
CA VAL A 111 -20.83 -2.48 -5.70
C VAL A 111 -22.34 -2.58 -5.82
N ASP A 112 -22.83 -3.38 -6.74
CA ASP A 112 -24.27 -3.59 -6.86
C ASP A 112 -24.67 -5.05 -6.58
N LYS A 113 -23.78 -5.86 -6.02
CA LYS A 113 -24.04 -7.28 -5.77
C LYS A 113 -23.46 -7.71 -4.43
N TYR A 114 -24.18 -8.60 -3.74
CA TYR A 114 -23.71 -9.18 -2.49
C TYR A 114 -22.42 -10.02 -2.71
N SER A 115 -22.31 -10.66 -3.86
CA SER A 115 -21.16 -11.49 -4.17
C SER A 115 -19.85 -10.70 -4.29
N THR A 116 -19.92 -9.44 -4.69
CA THR A 116 -18.69 -8.69 -5.01
C THR A 116 -17.68 -8.58 -3.86
N PRO A 117 -18.06 -8.14 -2.69
CA PRO A 117 -17.10 -8.06 -1.59
C PRO A 117 -16.49 -9.41 -1.27
N LEU A 118 -17.33 -10.45 -1.23
CA LEU A 118 -16.87 -11.78 -0.91
C LEU A 118 -15.84 -12.30 -1.94
N LEU A 119 -16.04 -12.00 -3.23
CA LEU A 119 -15.19 -12.54 -4.28
C LEU A 119 -13.89 -11.75 -4.44
N TYR A 120 -13.96 -10.43 -4.34
CA TYR A 120 -12.93 -9.53 -4.87
C TYR A 120 -12.32 -8.44 -3.93
N LEU A 121 -13.05 -7.97 -2.91
CA LEU A 121 -12.69 -6.72 -2.25
C LEU A 121 -11.77 -6.95 -1.06
N LYS A 122 -10.52 -6.57 -1.21
CA LYS A 122 -9.48 -6.93 -0.23
C LYS A 122 -9.71 -6.36 1.17
N GLY A 123 -10.37 -5.21 1.28
CA GLY A 123 -10.77 -4.69 2.59
C GLY A 123 -11.77 -5.62 3.28
N PHE A 124 -12.72 -6.16 2.52
CA PHE A 124 -13.63 -7.16 3.08
C PHE A 124 -12.86 -8.41 3.53
N HIS A 125 -11.93 -8.89 2.70
CA HIS A 125 -11.14 -10.05 3.05
C HIS A 125 -10.30 -9.82 4.27
N ALA A 126 -9.71 -8.64 4.38
CA ALA A 126 -8.83 -8.32 5.47
C ALA A 126 -9.60 -8.27 6.79
N LEU A 127 -10.82 -7.75 6.72
CA LEU A 127 -11.67 -7.62 7.86
C LEU A 127 -12.10 -8.99 8.39
N GLN A 128 -12.45 -9.93 7.53
CA GLN A 128 -12.81 -11.26 8.00
C GLN A 128 -11.60 -12.03 8.46
N ALA A 129 -10.41 -11.76 7.87
CA ALA A 129 -9.17 -12.36 8.34
C ALA A 129 -8.83 -11.83 9.73
N TYR A 130 -9.09 -10.55 9.96
CA TYR A 130 -8.96 -10.00 11.31
C TYR A 130 -9.82 -10.78 12.29
N ARG A 131 -11.03 -11.10 11.90
CA ARG A 131 -11.92 -11.77 12.84
C ARG A 131 -11.36 -13.11 13.33
N ILE A 132 -10.66 -13.81 12.44
CA ILE A 132 -10.07 -15.10 12.77
C ILE A 132 -8.89 -14.86 13.67
N GLY A 133 -8.06 -13.86 13.36
CA GLY A 133 -6.93 -13.52 14.20
C GLY A 133 -7.36 -13.13 15.63
N HIS A 134 -8.46 -12.36 15.71
CA HIS A 134 -8.99 -11.95 17.01
C HIS A 134 -9.48 -13.11 17.85
N TRP A 135 -10.15 -14.05 17.19
CA TRP A 135 -10.63 -15.26 17.87
C TRP A 135 -9.42 -16.06 18.38
N LEU A 136 -8.40 -16.21 17.56
CA LEU A 136 -7.22 -16.92 17.96
C LEU A 136 -6.52 -16.22 19.15
N TRP A 137 -6.29 -14.92 19.01
CA TRP A 137 -5.72 -14.10 20.07
C TRP A 137 -6.42 -14.34 21.43
N ASN A 138 -7.74 -14.25 21.42
CA ASN A 138 -8.55 -14.40 22.61
C ASN A 138 -8.48 -15.82 23.22
N GLN A 139 -8.28 -16.85 22.39
CA GLN A 139 -8.14 -18.22 22.89
C GLN A 139 -6.73 -18.46 23.48
N GLY A 140 -5.77 -17.62 23.18
CA GLY A 140 -4.42 -17.85 23.61
C GLY A 140 -3.43 -18.23 22.51
N ARG A 141 -3.90 -18.32 21.27
CA ARG A 141 -3.06 -18.53 20.13
C ARG A 141 -2.53 -17.28 19.47
N ARG A 142 -1.73 -16.57 20.23
CA ARG A 142 -1.22 -15.27 19.83
C ARG A 142 -0.18 -15.37 18.72
N ALA A 143 0.64 -16.37 18.78
CA ALA A 143 1.74 -16.52 17.78
C ALA A 143 1.13 -16.69 16.38
N LEU A 144 0.09 -17.50 16.26
CA LEU A 144 -0.55 -17.69 14.95
C LEU A 144 -1.26 -16.39 14.53
N ALA A 145 -1.92 -15.72 15.48
CA ALA A 145 -2.61 -14.47 15.22
C ALA A 145 -1.68 -13.41 14.71
N ILE A 146 -0.51 -13.29 15.29
CA ILE A 146 0.44 -12.30 14.86
C ILE A 146 0.99 -12.65 13.45
N PHE A 147 1.21 -13.95 13.19
CA PHE A 147 1.60 -14.38 11.86
C PHE A 147 0.57 -13.95 10.80
N LEU A 148 -0.70 -14.20 11.06
CA LEU A 148 -1.75 -13.91 10.13
C LEU A 148 -1.90 -12.40 9.93
N GLN A 149 -1.78 -11.63 11.01
CA GLN A 149 -1.82 -10.17 10.90
C GLN A 149 -0.87 -9.67 9.82
N ASN A 150 0.37 -10.10 9.92
CA ASN A 150 1.41 -9.62 9.03
C ASN A 150 1.35 -10.24 7.64
N GLN A 151 0.84 -11.47 7.55
CA GLN A 151 0.56 -12.06 6.26
C GLN A 151 -0.53 -11.20 5.55
N VAL A 152 -1.54 -10.79 6.32
CA VAL A 152 -2.62 -9.99 5.79
C VAL A 152 -2.10 -8.61 5.35
N SER A 153 -1.15 -8.05 6.09
CA SER A 153 -0.57 -6.77 5.73
C SER A 153 0.18 -6.85 4.39
N VAL A 154 0.92 -7.91 4.17
CA VAL A 154 1.72 -8.08 2.94
C VAL A 154 0.79 -8.37 1.75
N THR A 155 -0.28 -9.12 1.96
CA THR A 155 -1.10 -9.66 0.89
C THR A 155 -2.22 -8.74 0.50
N PHE A 156 -2.86 -8.14 1.51
CA PHE A 156 -3.97 -7.27 1.28
C PHE A 156 -3.66 -5.81 1.61
N GLN A 157 -2.46 -5.55 2.16
CA GLN A 157 -2.05 -4.19 2.52
C GLN A 157 -2.91 -3.52 3.56
N VAL A 158 -3.51 -4.34 4.43
CA VAL A 158 -4.25 -3.91 5.56
C VAL A 158 -3.56 -4.51 6.81
N ASP A 159 -3.18 -3.67 7.76
CA ASP A 159 -2.51 -4.11 8.96
C ASP A 159 -3.38 -3.87 10.19
N ILE A 160 -4.11 -4.89 10.63
CA ILE A 160 -4.98 -4.78 11.78
C ILE A 160 -4.44 -5.68 12.88
N HIS A 161 -4.08 -5.12 14.02
CA HIS A 161 -3.63 -5.96 15.11
C HIS A 161 -4.77 -6.81 15.64
N PRO A 162 -4.51 -8.09 15.88
CA PRO A 162 -5.61 -8.98 16.28
C PRO A 162 -6.25 -8.65 17.61
N ALA A 163 -5.61 -7.90 18.49
CA ALA A 163 -6.27 -7.52 19.79
C ALA A 163 -7.23 -6.35 19.61
N ALA A 164 -7.22 -5.70 18.43
CA ALA A 164 -8.23 -4.71 18.15
C ALA A 164 -9.64 -5.34 18.29
N LYS A 165 -10.56 -4.50 18.74
CA LYS A 165 -11.94 -4.92 18.89
C LYS A 165 -12.83 -4.20 17.88
N ILE A 166 -13.27 -4.94 16.86
CA ILE A 166 -14.00 -4.40 15.71
C ILE A 166 -15.33 -5.10 15.57
N GLY A 167 -16.37 -4.29 15.46
CA GLY A 167 -17.73 -4.73 15.44
C GLY A 167 -18.10 -5.07 13.99
N ARG A 168 -19.39 -4.97 13.66
CA ARG A 168 -19.90 -5.51 12.39
C ARG A 168 -20.62 -4.41 11.63
N GLY A 169 -20.86 -4.61 10.35
CA GLY A 169 -21.38 -3.57 9.46
C GLY A 169 -20.31 -2.57 9.12
N ILE A 170 -19.10 -3.08 8.95
CA ILE A 170 -17.91 -2.27 8.70
C ILE A 170 -17.56 -2.40 7.23
N MSE A 171 -17.25 -1.24 6.63
CA MSE A 171 -16.73 -1.19 5.31
C MSE A 171 -15.33 -0.63 5.36
O MSE A 171 -15.10 0.44 5.95
CB MSE A 171 -17.60 -0.33 4.39
CG MSE A 171 -16.91 -0.08 3.08
SE MSE A 171 -18.07 0.77 1.69
CE MSE A 171 -18.19 2.61 2.52
N LEU A 172 -14.42 -1.36 4.72
CA LEU A 172 -13.07 -0.89 4.42
C LEU A 172 -12.93 -0.77 2.90
N ASP A 173 -13.33 0.37 2.35
CA ASP A 173 -13.37 0.56 0.90
C ASP A 173 -11.97 0.86 0.42
N HIS A 174 -11.55 0.13 -0.63
CA HIS A 174 -10.24 0.19 -1.28
C HIS A 174 -9.15 -0.36 -0.41
N ALA A 175 -9.05 0.18 0.81
CA ALA A 175 -8.38 -0.44 1.92
C ALA A 175 -6.86 -0.37 1.92
N THR A 176 -6.22 -0.12 0.79
CA THR A 176 -4.76 -0.11 0.86
C THR A 176 -4.19 0.95 1.82
N GLY A 177 -3.35 0.50 2.74
CA GLY A 177 -2.68 1.38 3.65
C GLY A 177 -3.39 1.55 4.97
N ILE A 178 -4.50 0.85 5.21
CA ILE A 178 -5.17 0.90 6.50
C ILE A 178 -4.30 0.24 7.61
N VAL A 179 -4.25 0.92 8.75
CA VAL A 179 -3.54 0.45 9.92
C VAL A 179 -4.46 0.68 11.07
N VAL A 180 -4.71 -0.38 11.83
CA VAL A 180 -5.54 -0.32 13.05
C VAL A 180 -4.72 -1.03 14.13
N GLY A 181 -4.34 -0.28 15.17
CA GLY A 181 -3.48 -0.84 16.19
C GLY A 181 -4.16 -1.71 17.28
N GLU A 182 -3.30 -2.15 18.19
CA GLU A 182 -3.61 -3.19 19.18
C GLU A 182 -4.80 -2.87 20.07
N THR A 183 -4.89 -1.62 20.55
CA THR A 183 -5.93 -1.25 21.50
C THR A 183 -7.10 -0.50 20.89
N ALA A 184 -7.24 -0.52 19.57
CA ALA A 184 -8.27 0.25 18.90
C ALA A 184 -9.58 -0.42 19.14
N VAL A 185 -10.65 0.35 19.16
CA VAL A 185 -12.02 -0.13 19.16
C VAL A 185 -12.73 0.47 17.95
N ILE A 186 -13.47 -0.34 17.20
CA ILE A 186 -14.33 0.18 16.15
C ILE A 186 -15.65 -0.48 16.39
N GLU A 187 -16.65 0.32 16.73
CA GLU A 187 -18.01 -0.16 16.91
C GLU A 187 -18.69 -0.42 15.58
N ASN A 188 -19.93 -0.90 15.67
CA ASN A 188 -20.71 -1.28 14.52
C ASN A 188 -20.96 -0.08 13.57
N ASP A 189 -21.19 -0.39 12.30
CA ASP A 189 -21.65 0.57 11.32
C ASP A 189 -20.72 1.78 11.18
N VAL A 190 -19.44 1.47 10.98
CA VAL A 190 -18.40 2.43 10.69
C VAL A 190 -17.88 2.18 9.28
N SER A 191 -17.56 3.23 8.56
CA SER A 191 -17.01 3.15 7.21
C SER A 191 -15.67 3.86 7.19
N ILE A 192 -14.68 3.21 6.58
CA ILE A 192 -13.30 3.63 6.57
C ILE A 192 -12.75 3.44 5.17
N LEU A 193 -11.99 4.42 4.70
CA LEU A 193 -11.37 4.38 3.41
C LEU A 193 -9.92 4.02 3.46
N GLN A 194 -9.34 3.94 2.27
CA GLN A 194 -7.93 3.74 2.06
C GLN A 194 -7.06 4.69 2.88
N SER A 195 -5.90 4.16 3.25
CA SER A 195 -4.87 4.84 4.01
C SER A 195 -5.31 5.49 5.32
N VAL A 196 -6.33 4.95 5.96
CA VAL A 196 -6.70 5.41 7.28
C VAL A 196 -5.81 4.73 8.33
N THR A 197 -5.24 5.54 9.21
CA THR A 197 -4.59 5.08 10.43
C THR A 197 -5.41 5.34 11.70
N LEU A 198 -5.72 4.25 12.42
CA LEU A 198 -6.17 4.28 13.80
C LEU A 198 -4.94 3.89 14.62
N GLY A 199 -4.07 4.87 14.89
CA GLY A 199 -2.70 4.63 15.33
C GLY A 199 -2.42 4.95 16.78
N GLY A 200 -1.28 4.48 17.26
CA GLY A 200 -0.88 4.68 18.62
C GLY A 200 -0.05 5.94 18.81
N THR A 201 0.28 6.18 20.06
CA THR A 201 1.31 7.13 20.41
C THR A 201 2.08 6.56 21.59
N GLY A 202 3.35 6.94 21.72
CA GLY A 202 4.14 6.57 22.90
C GLY A 202 4.72 5.17 22.73
N LYS A 203 5.51 4.75 23.72
CA LYS A 203 6.25 3.51 23.62
C LYS A 203 5.88 2.52 24.68
N SER A 204 4.82 2.78 25.43
CA SER A 204 4.32 1.84 26.43
C SER A 204 3.04 1.17 25.98
N GLY A 205 2.74 0.03 26.62
CA GLY A 205 1.54 -0.71 26.37
C GLY A 205 0.35 0.01 26.96
N GLY A 206 -0.79 -0.66 26.88
CA GLY A 206 -2.05 -0.15 27.34
C GLY A 206 -2.73 0.70 26.29
N ASP A 207 -4.01 1.04 26.54
CA ASP A 207 -4.85 1.86 25.66
C ASP A 207 -4.05 3.09 25.20
N ARG A 208 -3.95 3.22 23.88
CA ARG A 208 -3.21 4.27 23.21
C ARG A 208 -3.64 4.45 21.74
N HIS A 209 -4.76 3.87 21.38
CA HIS A 209 -5.32 3.90 20.04
C HIS A 209 -6.77 4.36 20.13
N PRO A 210 -7.29 4.88 19.02
CA PRO A 210 -8.64 5.39 19.02
C PRO A 210 -9.72 4.41 19.32
N LYS A 211 -10.80 5.00 19.77
CA LYS A 211 -12.05 4.34 20.00
C LYS A 211 -13.07 4.97 19.10
N ILE A 212 -13.49 4.27 18.03
CA ILE A 212 -14.35 4.82 17.02
C ILE A 212 -15.71 4.27 17.32
N ARG A 213 -16.66 5.16 17.56
CA ARG A 213 -17.96 4.75 17.96
C ARG A 213 -18.83 4.61 16.72
N GLU A 214 -20.02 4.13 16.98
CA GLU A 214 -20.93 3.72 15.95
C GLU A 214 -21.35 4.86 15.04
N GLY A 215 -21.61 4.56 13.78
CA GLY A 215 -22.01 5.58 12.83
C GLY A 215 -20.92 6.43 12.19
N VAL A 216 -19.66 6.25 12.62
CA VAL A 216 -18.60 7.14 12.20
C VAL A 216 -18.11 6.85 10.78
N MSE A 217 -17.84 7.91 10.02
CA MSE A 217 -17.22 7.78 8.70
C MSE A 217 -15.86 8.42 8.75
O MSE A 217 -15.71 9.58 9.20
CB MSE A 217 -18.06 8.46 7.63
CG MSE A 217 -17.43 8.49 6.22
SE MSE A 217 -18.01 10.09 5.11
CE MSE A 217 -19.55 10.56 5.97
N ILE A 218 -14.89 7.73 8.18
CA ILE A 218 -13.53 8.23 8.14
C ILE A 218 -13.07 8.24 6.71
N GLY A 219 -12.79 9.44 6.19
CA GLY A 219 -12.38 9.64 4.83
C GLY A 219 -10.97 9.23 4.57
N ALA A 220 -10.62 9.10 3.30
CA ALA A 220 -9.28 8.65 2.88
C ALA A 220 -8.14 9.40 3.54
N GLY A 221 -7.15 8.64 4.02
CA GLY A 221 -5.90 9.18 4.48
C GLY A 221 -5.97 9.86 5.85
N ALA A 222 -7.07 9.72 6.53
CA ALA A 222 -7.16 10.26 7.88
C ALA A 222 -6.28 9.49 8.85
N LYS A 223 -5.63 10.24 9.72
CA LYS A 223 -4.86 9.69 10.83
C LYS A 223 -5.49 10.10 12.14
N ILE A 224 -5.87 9.13 12.97
CA ILE A 224 -6.45 9.35 14.30
C ILE A 224 -5.49 8.60 15.23
N LEU A 225 -4.86 9.33 16.13
CA LEU A 225 -3.75 8.87 16.94
C LEU A 225 -4.06 9.00 18.43
N GLY A 226 -3.67 7.99 19.22
CA GLY A 226 -3.86 7.99 20.65
C GLY A 226 -5.16 7.42 21.12
N ASN A 227 -5.26 7.30 22.45
CA ASN A 227 -6.48 6.83 23.10
C ASN A 227 -7.48 7.97 23.24
N ILE A 228 -8.09 8.31 22.09
CA ILE A 228 -9.11 9.31 22.01
C ILE A 228 -10.32 8.74 21.36
N GLU A 229 -11.41 9.38 21.70
CA GLU A 229 -12.72 9.00 21.42
C GLU A 229 -13.15 9.74 20.16
N VAL A 230 -13.75 9.02 19.20
CA VAL A 230 -14.48 9.63 18.11
C VAL A 230 -15.92 9.20 18.32
N GLY A 231 -16.77 10.16 18.68
CA GLY A 231 -18.11 9.87 19.17
C GLY A 231 -19.07 9.46 18.09
N ARG A 232 -20.21 8.95 18.50
CA ARG A 232 -21.12 8.40 17.54
C ARG A 232 -21.59 9.44 16.55
N GLY A 233 -21.71 8.98 15.31
CA GLY A 233 -22.23 9.85 14.28
C GLY A 233 -21.25 10.91 13.84
N ALA A 234 -20.02 10.88 14.34
CA ALA A 234 -19.01 11.84 13.88
C ALA A 234 -18.50 11.52 12.47
N LYS A 235 -18.04 12.52 11.77
CA LYS A 235 -17.43 12.41 10.46
C LYS A 235 -16.03 12.95 10.58
N ILE A 236 -15.04 12.18 10.14
CA ILE A 236 -13.66 12.62 9.99
C ILE A 236 -13.32 12.80 8.51
N GLY A 237 -12.95 14.01 8.17
CA GLY A 237 -12.71 14.35 6.79
C GLY A 237 -11.47 13.68 6.27
N ALA A 238 -11.43 13.43 4.97
CA ALA A 238 -10.26 12.90 4.34
C ALA A 238 -9.05 13.75 4.73
N GLY A 239 -7.90 13.09 4.87
CA GLY A 239 -6.65 13.78 5.16
C GLY A 239 -6.51 14.36 6.55
N SER A 240 -7.48 14.17 7.45
CA SER A 240 -7.40 14.76 8.76
C SER A 240 -6.31 14.09 9.63
N VAL A 241 -5.82 14.81 10.62
CA VAL A 241 -4.89 14.26 11.59
C VAL A 241 -5.53 14.63 12.90
N VAL A 242 -6.24 13.68 13.50
CA VAL A 242 -7.06 13.86 14.67
C VAL A 242 -6.23 13.46 15.90
N LEU A 243 -5.87 14.46 16.71
CA LEU A 243 -5.14 14.28 17.96
C LEU A 243 -5.98 14.44 19.21
N GLN A 244 -7.21 14.92 19.09
CA GLN A 244 -8.05 15.17 20.21
C GLN A 244 -9.44 14.58 20.00
N PRO A 245 -10.12 14.28 21.09
CA PRO A 245 -11.43 13.65 20.99
C PRO A 245 -12.37 14.46 20.12
N VAL A 246 -13.20 13.78 19.37
CA VAL A 246 -14.19 14.36 18.48
C VAL A 246 -15.57 14.04 19.08
N PRO A 247 -16.40 15.04 19.41
CA PRO A 247 -17.69 14.80 20.03
C PRO A 247 -18.66 14.10 19.09
N PRO A 248 -19.64 13.43 19.65
CA PRO A 248 -20.66 12.78 18.80
C PRO A 248 -21.29 13.81 17.86
N HIS A 249 -21.60 13.37 16.65
CA HIS A 249 -22.39 14.11 15.69
C HIS A 249 -21.69 15.41 15.32
N THR A 250 -20.39 15.28 15.12
CA THR A 250 -19.58 16.39 14.76
C THR A 250 -18.71 15.99 13.56
N THR A 251 -18.17 16.99 12.85
CA THR A 251 -17.29 16.81 11.75
C THR A 251 -15.96 17.44 12.10
N ALA A 252 -14.87 16.70 11.92
CA ALA A 252 -13.52 17.16 12.20
C ALA A 252 -12.68 17.10 10.94
N ALA A 253 -11.87 18.12 10.71
CA ALA A 253 -11.06 18.19 9.51
C ALA A 253 -9.86 19.08 9.76
N GLY A 254 -8.80 18.91 9.01
CA GLY A 254 -7.59 19.67 9.17
C GLY A 254 -6.38 18.88 9.64
N VAL A 255 -5.22 19.51 9.45
CA VAL A 255 -3.97 19.03 10.00
C VAL A 255 -3.36 20.13 10.88
N PRO A 256 -3.52 20.07 12.22
CA PRO A 256 -4.30 19.05 12.94
C PRO A 256 -5.79 19.33 12.84
N ALA A 257 -6.65 18.38 13.19
CA ALA A 257 -8.07 18.52 12.91
C ALA A 257 -8.72 19.41 13.92
N ARG A 258 -9.73 20.17 13.49
CA ARG A 258 -10.66 20.80 14.43
C ARG A 258 -12.07 20.52 14.00
N ILE A 259 -13.03 20.79 14.88
CA ILE A 259 -14.46 20.64 14.61
C ILE A 259 -14.83 21.77 13.70
N VAL A 260 -15.30 21.46 12.50
CA VAL A 260 -15.61 22.43 11.48
C VAL A 260 -17.10 22.51 11.19
N GLY A 261 -17.92 21.72 11.84
CA GLY A 261 -19.30 21.62 11.40
C GLY A 261 -19.95 20.39 11.98
N LYS A 262 -21.14 20.08 11.51
CA LYS A 262 -21.84 18.90 11.97
C LYS A 262 -22.43 18.15 10.78
N PRO A 263 -22.38 16.81 10.78
CA PRO A 263 -22.89 16.04 9.64
C PRO A 263 -24.39 16.26 9.40
N ASP A 264 -24.81 16.08 8.15
CA ASP A 264 -26.24 16.09 7.81
C ASP A 264 -26.99 14.83 8.20
N SER A 265 -26.30 13.74 8.50
CA SER A 265 -27.01 12.55 8.93
C SER A 265 -26.61 12.13 10.34
N ASP A 266 -27.47 11.34 10.95
CA ASP A 266 -27.20 10.79 12.24
C ASP A 266 -26.01 9.78 12.21
N LYS A 267 -25.90 9.01 11.11
CA LYS A 267 -24.83 8.03 10.89
C LYS A 267 -24.16 8.30 9.54
N PRO A 268 -23.19 9.20 9.49
CA PRO A 268 -22.49 9.48 8.23
C PRO A 268 -21.83 8.26 7.54
N SER A 269 -21.52 7.20 8.28
CA SER A 269 -21.03 5.97 7.71
C SER A 269 -21.98 5.37 6.69
N MSE A 270 -23.28 5.68 6.81
CA MSE A 270 -24.30 5.14 5.91
C MSE A 270 -24.39 5.87 4.60
O MSE A 270 -24.71 5.25 3.60
CB MSE A 270 -25.68 5.19 6.54
CG MSE A 270 -25.76 4.72 7.96
SE MSE A 270 -25.40 2.79 8.16
CE MSE A 270 -27.32 2.26 8.25
N ASP A 271 -24.10 7.17 4.58
CA ASP A 271 -24.35 7.99 3.38
C ASP A 271 -23.07 8.39 2.64
N MSE A 272 -21.91 8.33 3.30
CA MSE A 272 -20.60 8.52 2.65
C MSE A 272 -20.39 9.91 2.01
O MSE A 272 -19.73 10.07 1.01
CB MSE A 272 -20.36 7.41 1.61
CG MSE A 272 -20.48 5.96 2.19
SE MSE A 272 -19.37 5.80 3.85
CE MSE A 272 -17.60 6.27 3.12
N ASP A 273 -20.88 10.93 2.68
CA ASP A 273 -20.75 12.30 2.21
C ASP A 273 -19.37 12.81 2.65
N GLN A 274 -18.49 13.00 1.70
CA GLN A 274 -17.08 13.27 1.96
C GLN A 274 -16.79 14.74 2.17
N HIS A 275 -17.81 15.57 1.97
CA HIS A 275 -17.67 17.00 2.07
C HIS A 275 -17.44 17.37 3.50
N PHE A 276 -16.58 18.33 3.71
CA PHE A 276 -16.40 18.84 5.02
C PHE A 276 -16.43 20.34 4.99
N ASN A 277 -17.62 20.78 5.32
CA ASN A 277 -17.93 22.12 5.75
C ASN A 277 -18.84 21.87 6.98
N GLY A 278 -18.77 20.61 7.46
CA GLY A 278 -19.84 19.97 8.20
C GLY A 278 -20.25 18.69 7.51
N MSE B 17 2.25 9.88 -31.00
CA MSE B 17 2.98 8.58 -31.21
C MSE B 17 2.53 7.96 -32.52
O MSE B 17 1.42 7.48 -32.67
CB MSE B 17 2.72 7.61 -30.05
CG MSE B 17 3.43 6.24 -30.15
SE MSE B 17 5.36 6.20 -29.70
CE MSE B 17 5.49 7.55 -28.11
N SER B 18 3.45 7.99 -33.48
CA SER B 18 3.27 7.38 -34.78
C SER B 18 3.95 6.02 -34.78
N CYS B 19 3.72 5.29 -35.85
CA CYS B 19 4.22 3.94 -36.04
C CYS B 19 5.76 3.82 -36.05
N GLU B 20 6.45 4.88 -36.45
CA GLU B 20 7.90 4.89 -36.58
C GLU B 20 8.54 5.29 -35.27
N GLU B 21 7.81 6.11 -34.51
CA GLU B 21 8.26 6.49 -33.17
C GLU B 21 8.11 5.29 -32.22
N LEU B 22 7.04 4.52 -32.42
CA LEU B 22 6.78 3.31 -31.65
C LEU B 22 7.93 2.36 -31.86
N GLU B 23 8.28 2.14 -33.13
CA GLU B 23 9.36 1.22 -33.51
C GLU B 23 10.71 1.67 -32.97
N ILE B 24 10.92 2.97 -32.81
CA ILE B 24 12.19 3.44 -32.23
C ILE B 24 12.25 3.24 -30.72
N VAL B 25 11.16 3.50 -29.98
CA VAL B 25 11.21 3.23 -28.53
C VAL B 25 11.48 1.73 -28.31
N TRP B 26 10.81 0.89 -29.09
CA TRP B 26 11.10 -0.52 -29.09
C TRP B 26 12.59 -0.84 -29.40
N ASN B 27 13.14 -0.26 -30.47
CA ASN B 27 14.56 -0.46 -30.78
C ASN B 27 15.45 -0.09 -29.62
N ASN B 28 15.13 1.02 -28.95
CA ASN B 28 15.89 1.47 -27.78
C ASN B 28 15.81 0.44 -26.66
N ILE B 29 14.61 -0.12 -26.44
CA ILE B 29 14.41 -1.07 -25.35
C ILE B 29 15.26 -2.29 -25.63
N LYS B 30 15.23 -2.78 -26.86
CA LYS B 30 16.02 -3.95 -27.22
C LYS B 30 17.51 -3.73 -27.04
N ALA B 31 18.02 -2.58 -27.46
CA ALA B 31 19.45 -2.28 -27.35
C ALA B 31 19.86 -2.24 -25.90
N GLU B 32 19.03 -1.59 -25.07
CA GLU B 32 19.23 -1.56 -23.63
C GLU B 32 19.24 -2.96 -23.04
N ALA B 33 18.37 -3.84 -23.54
CA ALA B 33 18.33 -5.23 -23.08
C ALA B 33 19.63 -5.98 -23.35
N ARG B 34 20.24 -5.77 -24.50
CA ARG B 34 21.49 -6.46 -24.85
C ARG B 34 22.56 -6.19 -23.79
N THR B 35 22.73 -4.91 -23.48
CA THR B 35 23.66 -4.47 -22.43
C THR B 35 23.33 -5.09 -21.06
N LEU B 36 22.04 -5.08 -20.73
CA LEU B 36 21.57 -5.55 -19.44
C LEU B 36 21.87 -7.05 -19.30
N ALA B 37 21.61 -7.84 -20.34
CA ALA B 37 21.95 -9.26 -20.35
C ALA B 37 23.45 -9.51 -20.10
N ASP B 38 24.29 -8.69 -20.73
CA ASP B 38 25.74 -8.86 -20.68
C ASP B 38 26.31 -8.54 -19.29
N CYS B 39 25.64 -7.67 -18.53
CA CYS B 39 26.24 -7.20 -17.29
C CYS B 39 25.67 -7.83 -16.03
N GLU B 40 24.55 -8.55 -16.14
CA GLU B 40 23.98 -9.27 -14.98
C GLU B 40 23.52 -10.69 -15.38
N PRO B 41 24.39 -11.68 -15.16
CA PRO B 41 24.16 -13.03 -15.69
C PRO B 41 23.01 -13.77 -14.99
N MSE B 42 22.71 -13.39 -13.74
CA MSE B 42 21.56 -13.95 -13.05
C MSE B 42 20.24 -13.60 -13.73
O MSE B 42 19.28 -14.36 -13.61
CB MSE B 42 21.49 -13.46 -11.63
CG MSE B 42 22.60 -13.98 -10.77
SE MSE B 42 22.28 -13.46 -8.95
CE MSE B 42 20.81 -14.82 -8.54
N LEU B 43 20.22 -12.45 -14.42
CA LEU B 43 19.03 -11.92 -15.07
C LEU B 43 19.01 -12.07 -16.58
N ALA B 44 20.05 -12.66 -17.15
CA ALA B 44 20.20 -12.70 -18.61
C ALA B 44 19.03 -13.36 -19.28
N SER B 45 18.66 -14.54 -18.79
CA SER B 45 17.54 -15.27 -19.37
C SER B 45 16.20 -14.56 -19.17
N PHE B 46 16.07 -13.86 -18.05
CA PHE B 46 14.96 -12.93 -17.81
C PHE B 46 14.86 -11.84 -18.89
N TYR B 47 15.93 -11.04 -19.07
CA TYR B 47 15.95 -9.99 -20.11
C TYR B 47 15.69 -10.57 -21.48
N HIS B 48 16.20 -11.77 -21.71
CA HIS B 48 16.01 -12.43 -22.98
C HIS B 48 14.52 -12.75 -23.22
N ALA B 49 13.86 -13.28 -22.18
CA ALA B 49 12.47 -13.72 -22.31
C ALA B 49 11.52 -12.54 -22.35
N THR B 50 11.79 -11.50 -21.55
CA THR B 50 10.92 -10.31 -21.57
C THR B 50 11.13 -9.42 -22.82
N LEU B 51 12.38 -9.20 -23.21
CA LEU B 51 12.68 -8.14 -24.20
C LEU B 51 13.26 -8.71 -25.47
N LEU B 52 14.41 -9.37 -25.38
CA LEU B 52 15.17 -9.76 -26.58
C LEU B 52 14.47 -10.68 -27.56
N LYS B 53 13.59 -11.52 -27.06
CA LYS B 53 12.94 -12.51 -27.90
C LYS B 53 11.79 -11.93 -28.68
N HIS B 54 11.36 -10.71 -28.32
CA HIS B 54 10.21 -10.11 -28.97
C HIS B 54 10.61 -9.18 -30.13
N GLU B 55 9.72 -9.03 -31.11
CA GLU B 55 9.95 -8.15 -32.28
C GLU B 55 9.22 -6.79 -32.20
N ASN B 56 8.41 -6.58 -31.16
CA ASN B 56 7.68 -5.32 -31.00
C ASN B 56 7.19 -5.12 -29.56
N LEU B 57 6.86 -3.88 -29.22
CA LEU B 57 6.38 -3.54 -27.87
C LEU B 57 5.17 -4.37 -27.46
N GLY B 58 4.17 -4.46 -28.33
CA GLY B 58 2.93 -5.15 -28.00
C GLY B 58 3.17 -6.56 -27.47
N SER B 59 4.08 -7.25 -28.13
CA SER B 59 4.40 -8.60 -27.76
C SER B 59 5.18 -8.66 -26.42
N ALA B 60 6.01 -7.65 -26.14
CA ALA B 60 6.68 -7.57 -24.86
C ALA B 60 5.73 -7.21 -23.73
N LEU B 61 4.77 -6.33 -24.00
CA LEU B 61 3.72 -5.98 -23.05
C LEU B 61 2.85 -7.16 -22.66
N SER B 62 2.33 -7.91 -23.66
CA SER B 62 1.47 -9.06 -23.37
C SER B 62 2.25 -10.07 -22.49
N TYR B 63 3.53 -10.26 -22.79
CA TYR B 63 4.35 -11.14 -22.00
C TYR B 63 4.38 -10.70 -20.56
N MSE B 64 4.68 -9.42 -20.34
CA MSE B 64 4.84 -8.86 -19.01
C MSE B 64 3.54 -8.91 -18.22
O MSE B 64 3.56 -9.22 -17.03
CB MSE B 64 5.30 -7.40 -19.07
CG MSE B 64 6.73 -7.23 -19.62
SE MSE B 64 8.29 -7.55 -18.34
CE MSE B 64 7.40 -7.97 -16.60
N LEU B 65 2.43 -8.56 -18.88
CA LEU B 65 1.12 -8.51 -18.23
C LEU B 65 0.62 -9.91 -17.87
N ALA B 66 0.82 -10.85 -18.80
CA ALA B 66 0.47 -12.25 -18.58
C ALA B 66 1.17 -12.75 -17.36
N ASN B 67 2.46 -12.46 -17.25
CA ASN B 67 3.21 -12.99 -16.13
C ASN B 67 2.89 -12.31 -14.79
N LYS B 68 2.51 -11.05 -14.85
CA LYS B 68 2.26 -10.25 -13.67
C LYS B 68 0.79 -10.40 -13.22
N LEU B 69 -0.11 -10.72 -14.14
CA LEU B 69 -1.51 -10.90 -13.79
C LEU B 69 -1.85 -12.38 -13.50
N SER B 70 -0.86 -13.24 -13.66
CA SER B 70 -1.04 -14.69 -13.54
C SER B 70 -1.42 -15.06 -12.10
N SER B 71 -2.28 -16.05 -11.97
CA SER B 71 -2.74 -16.53 -10.67
C SER B 71 -3.26 -17.96 -10.83
N PRO B 72 -3.54 -18.65 -9.71
CA PRO B 72 -4.23 -19.94 -9.76
C PRO B 72 -5.53 -19.90 -10.63
N ILE B 73 -6.30 -18.83 -10.54
CA ILE B 73 -7.57 -18.77 -11.28
C ILE B 73 -7.38 -18.59 -12.77
N MSE B 74 -6.35 -17.82 -13.11
CA MSE B 74 -6.04 -17.55 -14.50
C MSE B 74 -4.52 -17.56 -14.76
O MSE B 74 -3.82 -16.63 -14.40
CB MSE B 74 -6.63 -16.17 -14.83
CG MSE B 74 -7.20 -16.05 -16.19
SE MSE B 74 -8.63 -14.69 -16.16
CE MSE B 74 -7.65 -13.16 -15.38
N PRO B 75 -4.02 -18.61 -15.38
CA PRO B 75 -2.57 -18.70 -15.61
C PRO B 75 -2.12 -17.76 -16.76
N ALA B 76 -0.82 -17.48 -16.76
CA ALA B 76 -0.18 -16.52 -17.64
C ALA B 76 -0.55 -16.72 -19.08
N ILE B 77 -0.54 -17.98 -19.50
CA ILE B 77 -0.82 -18.40 -20.85
C ILE B 77 -2.22 -18.03 -21.35
N ALA B 78 -3.21 -18.14 -20.47
CA ALA B 78 -4.60 -17.75 -20.78
C ALA B 78 -4.79 -16.22 -20.72
N ILE B 79 -4.19 -15.59 -19.72
CA ILE B 79 -4.22 -14.13 -19.64
C ILE B 79 -3.63 -13.52 -20.92
N ARG B 80 -2.49 -14.04 -21.34
CA ARG B 80 -1.82 -13.53 -22.52
C ARG B 80 -2.71 -13.50 -23.76
N GLU B 81 -3.59 -14.49 -23.92
CA GLU B 81 -4.43 -14.56 -25.11
C GLU B 81 -5.48 -13.46 -25.03
N VAL B 82 -5.90 -13.14 -23.81
CA VAL B 82 -6.85 -12.09 -23.58
C VAL B 82 -6.23 -10.73 -23.92
N VAL B 83 -4.99 -10.54 -23.47
CA VAL B 83 -4.27 -9.30 -23.72
C VAL B 83 -4.07 -9.14 -25.22
N GLU B 84 -3.72 -10.24 -25.88
CA GLU B 84 -3.44 -10.17 -27.32
C GLU B 84 -4.71 -9.85 -28.11
N GLU B 85 -5.84 -10.45 -27.71
CA GLU B 85 -7.13 -10.15 -28.35
C GLU B 85 -7.50 -8.66 -28.16
N ALA B 86 -7.22 -8.10 -26.99
CA ALA B 86 -7.51 -6.71 -26.73
C ALA B 86 -6.63 -5.82 -27.64
N TYR B 87 -5.35 -6.13 -27.72
CA TYR B 87 -4.42 -5.37 -28.51
C TYR B 87 -4.69 -5.50 -30.03
N ALA B 88 -5.11 -6.67 -30.49
CA ALA B 88 -5.51 -6.81 -31.89
C ALA B 88 -6.78 -5.97 -32.14
N ALA B 89 -7.70 -5.90 -31.19
CA ALA B 89 -8.89 -5.11 -31.42
C ALA B 89 -8.62 -3.61 -31.29
N ASP B 90 -7.65 -3.21 -30.48
CA ASP B 90 -7.38 -1.80 -30.20
C ASP B 90 -5.87 -1.60 -30.07
N PRO B 91 -5.21 -1.55 -31.23
CA PRO B 91 -3.76 -1.35 -31.28
C PRO B 91 -3.31 -0.07 -30.65
N GLU B 92 -4.19 0.92 -30.45
CA GLU B 92 -3.80 2.20 -29.83
C GLU B 92 -3.40 2.03 -28.36
N MSE B 93 -3.80 0.93 -27.74
CA MSE B 93 -3.35 0.63 -26.37
C MSE B 93 -1.85 0.40 -26.29
O MSE B 93 -1.24 0.77 -25.31
CB MSE B 93 -4.09 -0.56 -25.80
CG MSE B 93 -5.55 -0.29 -25.64
SE MSE B 93 -6.41 -1.80 -24.74
CE MSE B 93 -6.40 -3.04 -26.05
N ILE B 94 -1.27 -0.20 -27.32
CA ILE B 94 0.19 -0.34 -27.40
C ILE B 94 0.86 1.03 -27.54
N ALA B 95 0.31 1.86 -28.41
CA ALA B 95 0.83 3.20 -28.57
C ALA B 95 0.70 3.99 -27.27
N SER B 96 -0.41 3.85 -26.54
CA SER B 96 -0.55 4.53 -25.25
C SER B 96 0.54 4.09 -24.24
N ALA B 97 0.84 2.81 -24.19
CA ALA B 97 1.95 2.29 -23.36
C ALA B 97 3.32 2.92 -23.71
N ALA B 98 3.58 3.06 -25.01
CA ALA B 98 4.77 3.77 -25.49
C ALA B 98 4.86 5.15 -24.90
N CYS B 99 3.79 5.91 -25.07
CA CYS B 99 3.71 7.23 -24.51
C CYS B 99 3.93 7.24 -23.01
N ASP B 100 3.39 6.23 -22.32
CA ASP B 100 3.58 6.11 -20.86
C ASP B 100 5.03 5.79 -20.47
N ILE B 101 5.71 4.99 -21.28
CA ILE B 101 7.12 4.71 -21.09
C ILE B 101 7.93 6.00 -21.20
N GLN B 102 7.64 6.78 -22.26
CA GLN B 102 8.32 8.08 -22.49
C GLN B 102 8.08 9.02 -21.35
N ALA B 103 6.82 9.16 -20.94
CA ALA B 103 6.44 10.00 -19.80
C ALA B 103 7.33 9.75 -18.61
N VAL B 104 7.51 8.46 -18.25
CA VAL B 104 8.31 8.09 -17.08
C VAL B 104 9.78 8.42 -17.28
N ARG B 105 10.33 7.99 -18.41
CA ARG B 105 11.74 8.23 -18.73
C ARG B 105 12.10 9.72 -18.75
N THR B 106 11.23 10.55 -19.31
CA THR B 106 11.46 12.01 -19.34
C THR B 106 11.17 12.72 -18.01
N ARG B 107 10.17 12.27 -17.25
CA ARG B 107 9.78 12.99 -16.03
C ARG B 107 10.40 12.52 -14.75
N ASP B 108 10.87 11.28 -14.76
CA ASP B 108 11.38 10.65 -13.53
C ASP B 108 12.85 10.55 -13.61
N PRO B 109 13.55 11.37 -12.84
CA PRO B 109 15.01 11.37 -12.89
C PRO B 109 15.61 10.08 -12.37
N ALA B 110 14.87 9.30 -11.59
CA ALA B 110 15.35 7.95 -11.21
C ALA B 110 15.36 6.99 -12.38
N VAL B 111 14.74 7.36 -13.49
CA VAL B 111 14.67 6.50 -14.65
C VAL B 111 15.41 7.09 -15.86
N ASP B 112 16.38 6.34 -16.37
CA ASP B 112 17.20 6.72 -17.57
C ASP B 112 17.11 5.72 -18.73
N LYS B 113 16.16 4.78 -18.66
CA LYS B 113 15.98 3.80 -19.72
C LYS B 113 14.50 3.56 -20.00
N TYR B 114 14.19 3.35 -21.29
CA TYR B 114 12.89 2.94 -21.80
C TYR B 114 12.43 1.59 -21.24
N SER B 115 13.38 0.70 -21.02
CA SER B 115 13.06 -0.65 -20.58
C SER B 115 12.65 -0.67 -19.09
N THR B 116 13.04 0.33 -18.32
CA THR B 116 12.82 0.27 -16.88
C THR B 116 11.29 0.24 -16.53
N PRO B 117 10.49 1.13 -17.07
CA PRO B 117 9.06 1.06 -16.77
C PRO B 117 8.51 -0.29 -17.14
N LEU B 118 8.75 -0.78 -18.36
CA LEU B 118 8.31 -2.09 -18.79
C LEU B 118 8.72 -3.27 -17.91
N LEU B 119 9.96 -3.28 -17.44
CA LEU B 119 10.47 -4.41 -16.68
C LEU B 119 10.00 -4.37 -15.22
N TYR B 120 9.93 -3.19 -14.61
CA TYR B 120 9.99 -3.10 -13.18
C TYR B 120 8.95 -2.26 -12.43
N LEU B 121 8.38 -1.22 -13.03
CA LEU B 121 7.72 -0.19 -12.26
C LEU B 121 6.23 -0.50 -12.21
N LYS B 122 5.73 -0.82 -11.00
CA LYS B 122 4.38 -1.36 -10.81
C LYS B 122 3.28 -0.37 -11.21
N GLY B 123 3.55 0.93 -11.14
CA GLY B 123 2.58 1.90 -11.62
C GLY B 123 2.37 1.81 -13.12
N PHE B 124 3.46 1.60 -13.84
CA PHE B 124 3.40 1.43 -15.30
C PHE B 124 2.67 0.12 -15.59
N HIS B 125 3.01 -0.95 -14.87
CA HIS B 125 2.31 -2.25 -15.02
C HIS B 125 0.81 -2.15 -14.73
N ALA B 126 0.45 -1.42 -13.68
CA ALA B 126 -0.95 -1.28 -13.28
C ALA B 126 -1.76 -0.46 -14.31
N LEU B 127 -1.14 0.59 -14.82
CA LEU B 127 -1.74 1.41 -15.89
C LEU B 127 -2.09 0.55 -17.10
N GLN B 128 -1.18 -0.32 -17.57
CA GLN B 128 -1.48 -1.13 -18.75
C GLN B 128 -2.46 -2.23 -18.43
N ALA B 129 -2.39 -2.78 -17.22
CA ALA B 129 -3.44 -3.68 -16.75
C ALA B 129 -4.85 -3.05 -16.75
N TYR B 130 -4.96 -1.81 -16.33
CA TYR B 130 -6.19 -1.06 -16.39
C TYR B 130 -6.68 -0.97 -17.87
N ARG B 131 -5.75 -0.82 -18.82
CA ARG B 131 -6.17 -0.64 -20.19
C ARG B 131 -6.92 -1.86 -20.66
N ILE B 132 -6.39 -3.04 -20.30
CA ILE B 132 -7.02 -4.31 -20.61
C ILE B 132 -8.37 -4.42 -19.95
N GLY B 133 -8.45 -4.05 -18.67
CA GLY B 133 -9.69 -4.10 -17.94
C GLY B 133 -10.70 -3.16 -18.57
N HIS B 134 -10.26 -2.00 -19.01
CA HIS B 134 -11.14 -0.99 -19.59
C HIS B 134 -11.68 -1.50 -20.91
N TRP B 135 -10.83 -2.11 -21.70
CA TRP B 135 -11.25 -2.71 -22.96
C TRP B 135 -12.30 -3.80 -22.69
N LEU B 136 -12.01 -4.68 -21.74
CA LEU B 136 -12.97 -5.72 -21.39
C LEU B 136 -14.29 -5.14 -20.87
N TRP B 137 -14.20 -4.14 -19.98
CA TRP B 137 -15.37 -3.46 -19.50
C TRP B 137 -16.24 -2.91 -20.65
N ASN B 138 -15.66 -2.27 -21.66
CA ASN B 138 -16.43 -1.75 -22.80
C ASN B 138 -16.93 -2.84 -23.76
N GLN B 139 -16.39 -4.05 -23.71
CA GLN B 139 -16.89 -5.18 -24.48
C GLN B 139 -18.06 -5.87 -23.77
N GLY B 140 -18.39 -5.45 -22.56
CA GLY B 140 -19.39 -6.10 -21.75
C GLY B 140 -18.85 -7.19 -20.82
N ARG B 141 -17.55 -7.43 -20.83
CA ARG B 141 -16.93 -8.43 -19.96
C ARG B 141 -16.53 -7.81 -18.60
N ARG B 142 -17.57 -7.39 -17.88
CA ARG B 142 -17.43 -6.60 -16.68
C ARG B 142 -16.96 -7.40 -15.46
N ALA B 143 -17.36 -8.67 -15.40
CA ALA B 143 -16.98 -9.49 -14.28
C ALA B 143 -15.49 -9.73 -14.36
N LEU B 144 -14.98 -9.99 -15.55
CA LEU B 144 -13.55 -10.22 -15.75
C LEU B 144 -12.79 -8.94 -15.42
N ALA B 145 -13.30 -7.82 -15.88
CA ALA B 145 -12.68 -6.53 -15.60
C ALA B 145 -12.57 -6.22 -14.11
N ILE B 146 -13.63 -6.49 -13.35
CA ILE B 146 -13.67 -6.18 -11.93
C ILE B 146 -12.72 -7.14 -11.16
N PHE B 147 -12.69 -8.37 -11.59
CA PHE B 147 -11.74 -9.38 -11.08
C PHE B 147 -10.31 -8.88 -11.30
N LEU B 148 -9.98 -8.44 -12.51
CA LEU B 148 -8.62 -7.92 -12.74
C LEU B 148 -8.35 -6.61 -11.98
N GLN B 149 -9.36 -5.75 -11.87
CA GLN B 149 -9.19 -4.53 -11.07
C GLN B 149 -8.64 -4.91 -9.70
N ASN B 150 -9.23 -5.93 -9.08
CA ASN B 150 -8.98 -6.19 -7.66
C ASN B 150 -7.74 -7.04 -7.47
N GLN B 151 -7.43 -7.79 -8.49
CA GLN B 151 -6.16 -8.43 -8.55
C GLN B 151 -4.98 -7.45 -8.65
N VAL B 152 -5.09 -6.49 -9.53
CA VAL B 152 -4.11 -5.44 -9.66
C VAL B 152 -3.98 -4.67 -8.34
N SER B 153 -5.09 -4.43 -7.64
CA SER B 153 -4.99 -3.79 -6.33
C SER B 153 -4.16 -4.59 -5.29
N VAL B 154 -4.36 -5.90 -5.23
CA VAL B 154 -3.62 -6.78 -4.32
C VAL B 154 -2.13 -6.90 -4.72
N THR B 155 -1.88 -6.98 -6.01
CA THR B 155 -0.55 -7.34 -6.52
C THR B 155 0.35 -6.11 -6.76
N PHE B 156 -0.24 -5.01 -7.23
CA PHE B 156 0.51 -3.78 -7.44
C PHE B 156 0.09 -2.61 -6.58
N GLN B 157 -0.90 -2.81 -5.70
CA GLN B 157 -1.39 -1.81 -4.76
C GLN B 157 -1.96 -0.55 -5.43
N VAL B 158 -2.46 -0.74 -6.65
CA VAL B 158 -3.10 0.29 -7.40
C VAL B 158 -4.50 -0.16 -7.71
N ASP B 159 -5.48 0.65 -7.35
CA ASP B 159 -6.87 0.28 -7.48
C ASP B 159 -7.56 1.27 -8.41
N ILE B 160 -7.61 0.88 -9.67
CA ILE B 160 -8.31 1.67 -10.68
C ILE B 160 -9.53 0.94 -11.17
N HIS B 161 -10.66 1.60 -11.14
CA HIS B 161 -11.89 0.98 -11.59
C HIS B 161 -11.85 0.96 -13.12
N PRO B 162 -12.21 -0.16 -13.69
CA PRO B 162 -12.05 -0.28 -15.13
C PRO B 162 -12.94 0.66 -15.97
N ALA B 163 -13.99 1.28 -15.41
CA ALA B 163 -14.81 2.25 -16.11
C ALA B 163 -14.19 3.66 -16.12
N ALA B 164 -13.13 3.89 -15.33
CA ALA B 164 -12.34 5.12 -15.43
C ALA B 164 -11.86 5.32 -16.87
N LYS B 165 -11.81 6.57 -17.30
CA LYS B 165 -11.34 6.90 -18.65
C LYS B 165 -10.00 7.57 -18.52
N ILE B 166 -8.95 6.87 -18.89
CA ILE B 166 -7.58 7.36 -18.67
C ILE B 166 -6.84 7.42 -19.99
N GLY B 167 -6.21 8.56 -20.26
CA GLY B 167 -5.56 8.84 -21.53
C GLY B 167 -4.15 8.28 -21.53
N ARG B 168 -3.24 8.92 -22.25
CA ARG B 168 -1.88 8.38 -22.49
C ARG B 168 -0.84 9.42 -22.13
N GLY B 169 0.41 8.99 -21.99
CA GLY B 169 1.47 9.84 -21.45
C GLY B 169 1.23 10.04 -19.96
N ILE B 170 0.80 8.97 -19.27
CA ILE B 170 0.58 9.02 -17.82
C ILE B 170 1.73 8.38 -17.06
N MSE B 171 2.16 9.08 -16.00
CA MSE B 171 3.07 8.51 -15.01
C MSE B 171 2.37 8.34 -13.67
O MSE B 171 1.77 9.29 -13.11
CB MSE B 171 4.31 9.35 -14.84
CG MSE B 171 5.22 8.84 -13.73
SE MSE B 171 6.95 9.83 -13.60
CE MSE B 171 6.26 11.58 -12.95
N LEU B 172 2.43 7.11 -13.19
CA LEU B 172 2.11 6.76 -11.82
C LEU B 172 3.41 6.42 -11.09
N ASP B 173 4.06 7.43 -10.56
CA ASP B 173 5.37 7.22 -9.97
C ASP B 173 5.22 6.61 -8.59
N HIS B 174 5.96 5.52 -8.33
CA HIS B 174 5.92 4.77 -7.07
C HIS B 174 4.62 3.99 -6.87
N ALA B 175 3.51 4.70 -6.83
CA ALA B 175 2.16 4.19 -7.17
C ALA B 175 1.42 3.53 -6.00
N THR B 176 2.14 3.06 -4.98
CA THR B 176 1.46 2.37 -3.94
C THR B 176 0.41 3.26 -3.31
N GLY B 177 -0.77 2.70 -3.15
CA GLY B 177 -1.91 3.42 -2.63
C GLY B 177 -2.80 4.20 -3.58
N ILE B 178 -2.47 4.25 -4.86
CA ILE B 178 -3.33 4.98 -5.82
C ILE B 178 -4.70 4.28 -5.92
N VAL B 179 -5.73 5.11 -5.88
CA VAL B 179 -7.13 4.73 -6.06
C VAL B 179 -7.73 5.68 -7.07
N VAL B 180 -8.30 5.13 -8.13
CA VAL B 180 -9.07 5.85 -9.12
C VAL B 180 -10.43 5.17 -9.31
N GLY B 181 -11.47 5.92 -9.05
CA GLY B 181 -12.82 5.40 -9.10
C GLY B 181 -13.48 5.40 -10.45
N GLU B 182 -14.70 4.89 -10.42
CA GLU B 182 -15.53 4.48 -11.57
C GLU B 182 -15.74 5.57 -12.61
N THR B 183 -16.11 6.77 -12.17
CA THR B 183 -16.41 7.84 -13.10
C THR B 183 -15.33 8.85 -13.26
N ALA B 184 -14.10 8.51 -12.90
CA ALA B 184 -12.99 9.44 -13.08
C ALA B 184 -12.58 9.57 -14.53
N VAL B 185 -12.00 10.71 -14.84
CA VAL B 185 -11.38 10.94 -16.13
C VAL B 185 -9.98 11.46 -15.83
N ILE B 186 -9.01 10.89 -16.52
CA ILE B 186 -7.65 11.42 -16.50
C ILE B 186 -7.27 11.58 -17.96
N GLU B 187 -6.98 12.82 -18.36
CA GLU B 187 -6.65 13.09 -19.77
C GLU B 187 -5.18 12.86 -19.96
N ASN B 188 -4.69 13.11 -21.18
CA ASN B 188 -3.31 12.88 -21.53
C ASN B 188 -2.34 13.66 -20.68
N ASP B 189 -1.11 13.18 -20.61
CA ASP B 189 -0.02 13.91 -19.98
C ASP B 189 -0.29 14.42 -18.60
N VAL B 190 -0.64 13.46 -17.74
CA VAL B 190 -0.88 13.68 -16.32
C VAL B 190 0.12 12.83 -15.55
N SER B 191 0.62 13.39 -14.46
CA SER B 191 1.56 12.78 -13.56
C SER B 191 0.96 12.71 -12.18
N ILE B 192 0.99 11.50 -11.63
CA ILE B 192 0.37 11.18 -10.33
C ILE B 192 1.33 10.39 -9.48
N LEU B 193 1.44 10.75 -8.21
CA LEU B 193 2.32 10.03 -7.30
C LEU B 193 1.57 9.02 -6.38
N GLN B 194 2.33 8.34 -5.55
CA GLN B 194 1.83 7.44 -4.54
C GLN B 194 0.75 8.06 -3.69
N SER B 195 -0.22 7.20 -3.38
CA SER B 195 -1.23 7.49 -2.43
C SER B 195 -2.16 8.60 -2.88
N VAL B 196 -2.29 8.75 -4.19
CA VAL B 196 -3.29 9.67 -4.73
C VAL B 196 -4.63 8.96 -4.86
N THR B 197 -5.66 9.61 -4.33
CA THR B 197 -7.00 9.18 -4.51
C THR B 197 -7.71 10.16 -5.47
N LEU B 198 -8.29 9.61 -6.54
CA LEU B 198 -9.35 10.26 -7.31
C LEU B 198 -10.63 9.56 -6.90
N GLY B 199 -11.26 10.06 -5.87
CA GLY B 199 -12.25 9.30 -5.15
C GLY B 199 -13.66 9.88 -5.21
N GLY B 200 -14.60 9.04 -4.83
CA GLY B 200 -15.99 9.39 -4.87
C GLY B 200 -16.57 10.04 -3.65
N THR B 201 -17.85 10.31 -3.75
CA THR B 201 -18.63 10.71 -2.61
C THR B 201 -20.05 10.20 -2.75
N GLY B 202 -20.73 10.03 -1.62
CA GLY B 202 -22.11 9.58 -1.61
C GLY B 202 -22.24 8.09 -1.83
N LYS B 203 -23.44 7.57 -1.63
CA LYS B 203 -23.70 6.15 -1.80
C LYS B 203 -24.52 5.79 -3.04
N SER B 204 -24.91 6.81 -3.79
CA SER B 204 -25.59 6.67 -5.05
C SER B 204 -24.56 6.57 -6.18
N GLY B 205 -24.89 5.84 -7.20
CA GLY B 205 -24.06 5.80 -8.38
C GLY B 205 -24.20 7.07 -9.19
N GLY B 206 -23.75 7.03 -10.43
CA GLY B 206 -23.70 8.22 -11.25
C GLY B 206 -22.37 8.93 -11.07
N ASP B 207 -22.18 9.97 -11.87
CA ASP B 207 -20.96 10.75 -11.86
C ASP B 207 -20.64 11.35 -10.50
N ARG B 208 -19.44 11.07 -9.98
CA ARG B 208 -19.06 11.41 -8.62
C ARG B 208 -17.55 11.36 -8.35
N HIS B 209 -16.71 11.23 -9.39
CA HIS B 209 -15.26 11.20 -9.25
C HIS B 209 -14.64 12.31 -10.09
N PRO B 210 -13.40 12.70 -9.76
CA PRO B 210 -12.76 13.83 -10.46
C PRO B 210 -12.56 13.68 -11.95
N LYS B 211 -12.46 14.86 -12.57
CA LYS B 211 -12.10 14.98 -13.98
C LYS B 211 -10.79 15.72 -13.96
N ILE B 212 -9.72 15.01 -14.24
CA ILE B 212 -8.37 15.59 -14.21
C ILE B 212 -7.95 15.84 -15.63
N ARG B 213 -7.78 17.10 -15.99
CA ARG B 213 -7.55 17.48 -17.37
C ARG B 213 -6.06 17.46 -17.72
N GLU B 214 -5.79 17.65 -19.00
CA GLU B 214 -4.45 17.54 -19.54
C GLU B 214 -3.42 18.38 -18.81
N GLY B 215 -2.23 17.81 -18.64
CA GLY B 215 -1.12 18.50 -18.03
C GLY B 215 -1.03 18.62 -16.51
N VAL B 216 -1.99 18.05 -15.80
CA VAL B 216 -2.02 18.16 -14.34
C VAL B 216 -0.92 17.31 -13.69
N MSE B 217 -0.36 17.85 -12.63
CA MSE B 217 0.54 17.14 -11.76
C MSE B 217 -0.16 16.98 -10.41
O MSE B 217 -0.68 17.96 -9.88
CB MSE B 217 1.82 17.92 -11.57
CG MSE B 217 2.92 17.16 -10.81
SE MSE B 217 4.03 18.45 -9.71
CE MSE B 217 4.49 19.85 -11.11
N ILE B 218 -0.14 15.77 -9.85
CA ILE B 218 -0.71 15.52 -8.52
C ILE B 218 0.35 14.92 -7.59
N GLY B 219 0.66 15.62 -6.53
CA GLY B 219 1.72 15.19 -5.65
C GLY B 219 1.22 14.12 -4.67
N ALA B 220 2.17 13.51 -3.99
CA ALA B 220 1.96 12.42 -3.08
C ALA B 220 0.87 12.67 -2.09
N GLY B 221 -0.05 11.70 -1.98
CA GLY B 221 -1.03 11.71 -0.93
C GLY B 221 -2.20 12.66 -1.11
N ALA B 222 -2.27 13.31 -2.25
CA ALA B 222 -3.43 14.16 -2.55
C ALA B 222 -4.67 13.29 -2.69
N LYS B 223 -5.76 13.71 -2.03
CA LYS B 223 -7.11 13.21 -2.23
C LYS B 223 -7.96 14.23 -2.99
N ILE B 224 -8.58 13.82 -4.09
CA ILE B 224 -9.44 14.71 -4.87
C ILE B 224 -10.72 13.97 -4.93
N LEU B 225 -11.75 14.58 -4.32
CA LEU B 225 -13.02 13.94 -4.05
C LEU B 225 -14.19 14.63 -4.71
N GLY B 226 -15.05 13.79 -5.29
CA GLY B 226 -16.29 14.22 -5.89
C GLY B 226 -16.16 14.43 -7.40
N ASN B 227 -17.29 14.72 -8.04
CA ASN B 227 -17.32 15.02 -9.47
C ASN B 227 -16.98 16.51 -9.67
N ILE B 228 -15.69 16.82 -9.54
CA ILE B 228 -15.17 18.16 -9.64
C ILE B 228 -14.04 18.15 -10.67
N GLU B 229 -13.93 19.27 -11.39
CA GLU B 229 -12.91 19.52 -12.38
C GLU B 229 -11.59 19.93 -11.75
N VAL B 230 -10.51 19.42 -12.31
CA VAL B 230 -9.17 19.95 -12.06
C VAL B 230 -8.65 20.31 -13.41
N GLY B 231 -8.62 21.63 -13.65
CA GLY B 231 -8.46 22.20 -14.98
C GLY B 231 -7.10 21.98 -15.58
N ARG B 232 -7.02 22.12 -16.90
CA ARG B 232 -5.78 21.84 -17.61
C ARG B 232 -4.61 22.61 -17.08
N GLY B 233 -3.46 21.94 -17.06
CA GLY B 233 -2.25 22.46 -16.46
C GLY B 233 -2.29 22.83 -14.99
N ALA B 234 -3.30 22.42 -14.23
CA ALA B 234 -3.25 22.61 -12.79
C ALA B 234 -2.19 21.76 -12.07
N LYS B 235 -1.92 22.15 -10.82
CA LYS B 235 -0.97 21.49 -9.95
C LYS B 235 -1.65 21.28 -8.62
N ILE B 236 -1.68 20.03 -8.18
CA ILE B 236 -2.26 19.70 -6.89
C ILE B 236 -1.10 19.36 -5.97
N GLY B 237 -0.96 20.12 -4.89
CA GLY B 237 0.13 19.90 -3.95
C GLY B 237 -0.02 18.57 -3.24
N ALA B 238 1.13 17.94 -2.94
CA ALA B 238 1.17 16.79 -2.07
C ALA B 238 0.32 17.03 -0.80
N GLY B 239 -0.44 16.01 -0.42
CA GLY B 239 -1.16 16.02 0.85
C GLY B 239 -2.42 16.83 0.85
N SER B 240 -2.80 17.36 -0.30
CA SER B 240 -3.99 18.18 -0.40
C SER B 240 -5.22 17.34 -0.33
N VAL B 241 -6.30 17.95 0.14
CA VAL B 241 -7.63 17.39 0.06
C VAL B 241 -8.54 18.33 -0.75
N VAL B 242 -8.73 18.01 -2.01
CA VAL B 242 -9.44 18.89 -2.97
C VAL B 242 -10.92 18.53 -3.00
N LEU B 243 -11.74 19.43 -2.48
CA LEU B 243 -13.19 19.30 -2.45
C LEU B 243 -13.93 20.27 -3.39
N GLN B 244 -13.22 21.25 -3.95
CA GLN B 244 -13.80 22.17 -4.87
C GLN B 244 -13.02 22.22 -6.14
N PRO B 245 -13.66 22.60 -7.24
CA PRO B 245 -12.97 22.62 -8.53
C PRO B 245 -11.74 23.52 -8.52
N VAL B 246 -10.80 23.16 -9.37
CA VAL B 246 -9.55 23.83 -9.42
C VAL B 246 -9.38 24.32 -10.86
N PRO B 247 -9.25 25.65 -11.06
CA PRO B 247 -9.20 26.21 -12.40
C PRO B 247 -7.99 25.78 -13.18
N PRO B 248 -8.06 25.92 -14.49
CA PRO B 248 -6.89 25.61 -15.33
C PRO B 248 -5.69 26.46 -14.83
N HIS B 249 -4.47 25.92 -14.94
CA HIS B 249 -3.24 26.70 -14.70
C HIS B 249 -3.18 27.34 -13.34
N THR B 250 -3.57 26.55 -12.35
CA THR B 250 -3.69 27.02 -10.99
C THR B 250 -3.14 25.91 -10.02
N THR B 251 -2.65 26.33 -8.87
CA THR B 251 -2.08 25.46 -7.90
C THR B 251 -3.00 25.41 -6.69
N ALA B 252 -3.40 24.20 -6.29
CA ALA B 252 -4.23 24.03 -5.11
C ALA B 252 -3.47 23.23 -4.07
N ALA B 253 -3.57 23.64 -2.82
CA ALA B 253 -2.91 22.96 -1.72
C ALA B 253 -3.63 23.21 -0.41
N GLY B 254 -3.37 22.36 0.60
CA GLY B 254 -4.02 22.44 1.89
C GLY B 254 -5.04 21.34 2.19
N VAL B 255 -5.51 21.30 3.44
CA VAL B 255 -6.59 20.42 3.88
C VAL B 255 -7.64 21.29 4.61
N PRO B 256 -8.73 21.69 3.96
CA PRO B 256 -9.06 21.38 2.56
C PRO B 256 -8.25 22.30 1.66
N ALA B 257 -8.10 22.01 0.38
CA ALA B 257 -7.23 22.79 -0.46
C ALA B 257 -7.88 24.13 -0.90
N ARG B 258 -7.03 25.14 -1.07
CA ARG B 258 -7.41 26.38 -1.71
C ARG B 258 -6.40 26.72 -2.81
N ILE B 259 -6.76 27.69 -3.65
CA ILE B 259 -5.87 28.16 -4.71
C ILE B 259 -4.79 28.99 -4.03
N VAL B 260 -3.53 28.66 -4.25
CA VAL B 260 -2.42 29.34 -3.58
C VAL B 260 -1.45 29.99 -4.54
N GLY B 261 -1.69 29.93 -5.85
CA GLY B 261 -0.72 30.38 -6.83
C GLY B 261 -1.00 29.83 -8.20
N LYS B 262 -0.01 29.94 -9.08
CA LYS B 262 -0.06 29.40 -10.45
C LYS B 262 1.27 28.75 -10.74
N PRO B 263 1.26 27.56 -11.32
CA PRO B 263 2.51 26.90 -11.72
C PRO B 263 3.42 27.74 -12.64
N ASP B 264 4.69 27.38 -12.67
CA ASP B 264 5.69 28.02 -13.54
C ASP B 264 5.79 27.35 -14.89
N SER B 265 4.98 26.32 -15.17
CA SER B 265 4.90 25.82 -16.54
C SER B 265 3.47 25.66 -16.98
N ASP B 266 3.33 25.50 -18.29
CA ASP B 266 2.04 25.30 -18.89
C ASP B 266 1.45 23.92 -18.49
N LYS B 267 2.32 22.89 -18.47
CA LYS B 267 1.93 21.52 -18.15
C LYS B 267 2.83 21.04 -17.03
N PRO B 268 2.48 21.35 -15.80
CA PRO B 268 3.29 20.97 -14.64
C PRO B 268 3.53 19.43 -14.49
N SER B 269 2.76 18.60 -15.19
CA SER B 269 3.02 17.18 -15.24
C SER B 269 4.39 16.85 -15.85
N MSE B 270 4.94 17.74 -16.69
CA MSE B 270 6.19 17.47 -17.40
C MSE B 270 7.42 17.86 -16.60
O MSE B 270 8.49 17.32 -16.86
CB MSE B 270 6.28 18.25 -18.73
CG MSE B 270 5.01 18.40 -19.52
SE MSE B 270 4.68 16.75 -20.47
CE MSE B 270 6.16 16.93 -21.89
N ASP B 271 7.26 18.77 -15.65
CA ASP B 271 8.38 19.34 -14.90
C ASP B 271 8.50 18.86 -13.45
N MSE B 272 7.37 18.45 -12.85
CA MSE B 272 7.36 17.77 -11.54
C MSE B 272 7.90 18.61 -10.44
O MSE B 272 8.55 18.10 -9.52
CB MSE B 272 8.16 16.46 -11.59
CG MSE B 272 7.72 15.56 -12.68
SE MSE B 272 5.75 15.22 -12.51
CE MSE B 272 5.73 14.61 -10.50
N ASP B 273 7.62 19.89 -10.48
CA ASP B 273 7.96 20.81 -9.43
C ASP B 273 6.96 20.66 -8.30
N GLN B 274 7.40 20.12 -7.16
CA GLN B 274 6.52 19.82 -6.02
C GLN B 274 6.31 20.99 -5.11
N HIS B 275 6.99 22.09 -5.39
CA HIS B 275 6.81 23.29 -4.60
C HIS B 275 5.39 23.83 -4.77
N PHE B 276 4.80 24.22 -3.65
CA PHE B 276 3.62 25.05 -3.64
C PHE B 276 3.77 26.17 -2.62
N ASN B 277 3.27 27.35 -3.02
CA ASN B 277 3.71 28.69 -2.58
C ASN B 277 3.47 29.62 -3.80
N GLY B 278 4.03 29.18 -4.93
CA GLY B 278 3.54 29.41 -6.28
C GLY B 278 3.07 28.06 -6.86
N MSE C 17 26.75 -1.47 18.56
CA MSE C 17 26.56 -2.95 18.38
C MSE C 17 27.89 -3.70 18.26
O MSE C 17 28.41 -3.89 17.18
CB MSE C 17 25.70 -3.23 17.14
CG MSE C 17 25.30 -4.71 16.97
SE MSE C 17 24.22 -5.43 18.44
CE MSE C 17 22.82 -3.96 18.75
N SER C 18 28.39 -4.13 19.41
CA SER C 18 29.61 -4.92 19.49
C SER C 18 29.35 -6.40 19.19
N CYS C 19 30.43 -7.10 18.93
CA CYS C 19 30.40 -8.54 18.68
C CYS C 19 29.67 -9.35 19.77
N GLU C 20 29.83 -8.92 21.02
CA GLU C 20 29.23 -9.58 22.18
C GLU C 20 27.73 -9.27 22.25
N GLU C 21 27.39 -8.01 21.98
CA GLU C 21 26.00 -7.56 21.98
C GLU C 21 25.23 -8.25 20.82
N LEU C 22 25.92 -8.49 19.71
CA LEU C 22 25.35 -9.19 18.56
C LEU C 22 24.95 -10.59 18.98
N GLU C 23 25.86 -11.25 19.70
CA GLU C 23 25.63 -12.60 20.18
C GLU C 23 24.53 -12.64 21.22
N ILE C 24 24.25 -11.54 21.92
CA ILE C 24 23.16 -11.54 22.90
C ILE C 24 21.79 -11.39 22.24
N VAL C 25 21.68 -10.54 21.22
CA VAL C 25 20.40 -10.39 20.54
C VAL C 25 20.08 -11.71 19.86
N TRP C 26 21.08 -12.37 19.27
CA TRP C 26 20.88 -13.67 18.69
C TRP C 26 20.46 -14.72 19.74
N ASN C 27 21.04 -14.67 20.93
CA ASN C 27 20.69 -15.65 21.96
C ASN C 27 19.27 -15.46 22.47
N ASN C 28 18.86 -14.20 22.60
CA ASN C 28 17.49 -13.87 22.96
C ASN C 28 16.47 -14.34 21.90
N ILE C 29 16.83 -14.19 20.62
CA ILE C 29 15.97 -14.67 19.50
C ILE C 29 15.80 -16.17 19.61
N LYS C 30 16.89 -16.88 19.84
CA LYS C 30 16.84 -18.33 19.99
C LYS C 30 16.00 -18.81 21.16
N ALA C 31 16.21 -18.21 22.32
CA ALA C 31 15.40 -18.47 23.50
C ALA C 31 13.94 -18.28 23.24
N GLU C 32 13.60 -17.19 22.55
CA GLU C 32 12.20 -16.95 22.27
C GLU C 32 11.63 -18.02 21.33
N ALA C 33 12.46 -18.41 20.36
CA ALA C 33 12.04 -19.35 19.32
C ALA C 33 11.62 -20.68 19.96
N ARG C 34 12.37 -21.19 20.94
CA ARG C 34 11.95 -22.34 21.77
C ARG C 34 10.56 -22.21 22.35
N THR C 35 10.28 -21.16 23.10
CA THR C 35 8.92 -20.87 23.49
C THR C 35 7.90 -20.98 22.34
N LEU C 36 8.17 -20.34 21.21
CA LEU C 36 7.19 -20.22 20.12
C LEU C 36 6.80 -21.59 19.52
N ALA C 37 7.78 -22.46 19.29
CA ALA C 37 7.50 -23.81 18.80
C ALA C 37 6.50 -24.54 19.69
N ASP C 38 6.69 -24.44 21.01
CA ASP C 38 5.75 -24.93 22.00
C ASP C 38 4.40 -24.25 22.04
N CYS C 39 4.30 -23.00 21.60
CA CYS C 39 3.02 -22.30 21.58
C CYS C 39 2.16 -22.60 20.36
N GLU C 40 2.78 -22.84 19.21
CA GLU C 40 2.02 -23.01 17.99
C GLU C 40 2.61 -24.17 17.19
N PRO C 41 2.09 -25.36 17.42
CA PRO C 41 2.57 -26.57 16.69
C PRO C 41 2.44 -26.50 15.17
N MSE C 42 1.54 -25.72 14.65
CA MSE C 42 1.49 -25.52 13.18
C MSE C 42 2.65 -24.71 12.59
O MSE C 42 2.84 -24.73 11.38
CB MSE C 42 0.24 -24.77 12.77
CG MSE C 42 -1.05 -25.46 13.12
SE MSE C 42 -2.45 -24.28 12.51
CE MSE C 42 -2.30 -24.56 10.48
N LEU C 43 3.34 -23.93 13.42
CA LEU C 43 4.47 -23.14 12.94
C LEU C 43 5.77 -23.65 13.50
N ALA C 44 5.75 -24.78 14.22
CA ALA C 44 6.96 -25.28 14.90
C ALA C 44 8.11 -25.49 13.93
N SER C 45 7.85 -26.17 12.82
CA SER C 45 8.89 -26.36 11.79
C SER C 45 9.31 -25.05 11.14
N PHE C 46 8.39 -24.09 11.07
CA PHE C 46 8.75 -22.75 10.59
C PHE C 46 9.76 -22.09 11.54
N TYR C 47 9.46 -22.09 12.82
CA TYR C 47 10.40 -21.53 13.80
C TYR C 47 11.75 -22.27 13.79
N HIS C 48 11.70 -23.58 13.57
CA HIS C 48 12.90 -24.42 13.52
C HIS C 48 13.76 -24.04 12.32
N ALA C 49 13.17 -23.98 11.13
CA ALA C 49 13.86 -23.58 9.93
C ALA C 49 14.42 -22.15 9.95
N THR C 50 13.63 -21.19 10.36
CA THR C 50 14.06 -19.77 10.35
C THR C 50 15.04 -19.39 11.45
N LEU C 51 14.83 -19.90 12.67
CA LEU C 51 15.57 -19.45 13.84
C LEU C 51 16.44 -20.53 14.51
N LEU C 52 15.83 -21.62 14.99
CA LEU C 52 16.53 -22.57 15.84
C LEU C 52 17.71 -23.27 15.20
N LYS C 53 17.68 -23.45 13.89
CA LYS C 53 18.71 -24.19 13.20
C LYS C 53 19.93 -23.32 12.92
N HIS C 54 19.81 -22.03 13.16
CA HIS C 54 20.87 -21.07 12.83
C HIS C 54 21.67 -20.69 14.07
N GLU C 55 22.96 -20.45 13.84
CA GLU C 55 23.93 -20.23 14.91
C GLU C 55 24.25 -18.74 15.06
N ASN C 56 23.80 -17.93 14.10
CA ASN C 56 23.95 -16.48 14.16
C ASN C 56 22.85 -15.70 13.42
N LEU C 57 22.77 -14.40 13.66
CA LEU C 57 21.75 -13.56 13.04
C LEU C 57 21.87 -13.50 11.52
N GLY C 58 23.10 -13.39 11.04
CA GLY C 58 23.39 -13.39 9.62
C GLY C 58 22.80 -14.52 8.84
N SER C 59 22.94 -15.73 9.33
CA SER C 59 22.32 -16.90 8.70
C SER C 59 20.81 -16.84 8.75
N ALA C 60 20.26 -16.37 9.88
CA ALA C 60 18.80 -16.18 9.99
C ALA C 60 18.27 -15.09 9.04
N LEU C 61 18.99 -13.98 8.92
CA LEU C 61 18.64 -12.93 7.96
C LEU C 61 18.71 -13.40 6.51
N SER C 62 19.77 -14.08 6.13
CA SER C 62 19.87 -14.52 4.72
C SER C 62 18.75 -15.49 4.41
N TYR C 63 18.38 -16.31 5.40
CA TYR C 63 17.25 -17.24 5.23
C TYR C 63 15.92 -16.50 5.00
N MSE C 64 15.64 -15.51 5.85
CA MSE C 64 14.42 -14.76 5.74
C MSE C 64 14.32 -14.01 4.42
O MSE C 64 13.30 -14.06 3.76
CB MSE C 64 14.26 -13.74 6.87
CG MSE C 64 13.99 -14.36 8.24
SE MSE C 64 12.37 -15.53 8.47
CE MSE C 64 10.87 -14.51 7.51
N LEU C 65 15.37 -13.27 4.07
CA LEU C 65 15.36 -12.47 2.84
C LEU C 65 15.19 -13.32 1.59
N ALA C 66 15.97 -14.38 1.50
CA ALA C 66 15.88 -15.32 0.41
C ALA C 66 14.45 -15.82 0.23
N ASN C 67 13.78 -16.24 1.31
CA ASN C 67 12.41 -16.78 1.17
C ASN C 67 11.34 -15.70 0.91
N LYS C 68 11.53 -14.49 1.39
CA LYS C 68 10.47 -13.47 1.31
C LYS C 68 10.48 -12.81 -0.08
N LEU C 69 11.69 -12.55 -0.57
CA LEU C 69 12.03 -11.96 -1.86
C LEU C 69 11.80 -12.89 -3.07
N SER C 70 12.08 -14.18 -2.87
CA SER C 70 11.91 -15.25 -3.86
C SER C 70 10.82 -15.01 -4.92
N SER C 71 11.08 -15.48 -6.12
CA SER C 71 10.14 -15.35 -7.24
C SER C 71 10.56 -16.32 -8.34
N PRO C 72 9.71 -16.49 -9.35
CA PRO C 72 10.04 -17.38 -10.48
C PRO C 72 11.32 -16.91 -11.19
N ILE C 73 11.43 -15.59 -11.37
CA ILE C 73 12.65 -14.99 -11.89
C ILE C 73 13.89 -15.37 -11.06
N MSE C 74 13.81 -15.15 -9.76
CA MSE C 74 14.93 -15.49 -8.89
C MSE C 74 14.52 -16.32 -7.68
O MSE C 74 13.91 -15.81 -6.74
CB MSE C 74 15.61 -14.20 -8.42
CG MSE C 74 17.09 -14.35 -8.24
SE MSE C 74 17.95 -12.63 -8.56
CE MSE C 74 17.24 -11.68 -7.01
N PRO C 75 14.85 -17.60 -7.67
CA PRO C 75 14.53 -18.47 -6.54
C PRO C 75 15.32 -18.15 -5.25
N ALA C 76 14.72 -18.55 -4.13
CA ALA C 76 15.22 -18.25 -2.79
C ALA C 76 16.65 -18.71 -2.62
N ILE C 77 16.87 -19.91 -3.10
CA ILE C 77 18.20 -20.47 -3.11
C ILE C 77 19.28 -19.59 -3.85
N ALA C 78 18.94 -19.02 -4.99
CA ALA C 78 19.84 -18.06 -5.69
C ALA C 78 20.02 -16.76 -4.92
N ILE C 79 18.91 -16.15 -4.51
CA ILE C 79 18.97 -14.95 -3.71
C ILE C 79 19.84 -15.11 -2.45
N ARG C 80 19.70 -16.22 -1.75
CA ARG C 80 20.42 -16.39 -0.50
C ARG C 80 21.92 -16.27 -0.73
N GLU C 81 22.37 -16.80 -1.85
CA GLU C 81 23.79 -16.73 -2.20
C GLU C 81 24.25 -15.27 -2.42
N VAL C 82 23.49 -14.47 -3.16
CA VAL C 82 23.82 -13.05 -3.27
C VAL C 82 23.86 -12.42 -1.89
N VAL C 83 22.82 -12.65 -1.10
CA VAL C 83 22.73 -12.07 0.25
C VAL C 83 23.95 -12.45 1.09
N GLU C 84 24.31 -13.71 1.07
CA GLU C 84 25.45 -14.20 1.86
C GLU C 84 26.78 -13.62 1.37
N GLU C 85 26.90 -13.44 0.07
CA GLU C 85 28.05 -12.75 -0.51
C GLU C 85 28.12 -11.28 0.00
N ALA C 86 26.97 -10.59 0.03
CA ALA C 86 26.92 -9.20 0.56
C ALA C 86 27.40 -9.16 2.01
N TYR C 87 26.87 -10.06 2.83
CA TYR C 87 27.22 -10.09 4.26
C TYR C 87 28.69 -10.51 4.54
N ALA C 88 29.26 -11.35 3.71
CA ALA C 88 30.70 -11.66 3.83
C ALA C 88 31.53 -10.41 3.57
N ALA C 89 31.15 -9.64 2.56
CA ALA C 89 31.88 -8.45 2.17
C ALA C 89 31.69 -7.28 3.14
N ASP C 90 30.54 -7.22 3.81
CA ASP C 90 30.23 -6.09 4.65
C ASP C 90 29.39 -6.60 5.82
N PRO C 91 30.04 -7.31 6.75
CA PRO C 91 29.34 -7.89 7.91
C PRO C 91 28.66 -6.83 8.78
N GLU C 92 29.00 -5.56 8.59
CA GLU C 92 28.36 -4.49 9.36
C GLU C 92 26.81 -4.41 9.08
N MSE C 93 26.38 -4.91 7.95
CA MSE C 93 24.97 -4.93 7.61
C MSE C 93 24.19 -5.82 8.57
O MSE C 93 23.06 -5.52 8.91
CB MSE C 93 24.79 -5.40 6.19
CG MSE C 93 25.38 -4.46 5.18
SE MSE C 93 24.81 -4.96 3.36
CE MSE C 93 25.82 -6.55 3.17
N ILE C 94 24.84 -6.88 9.05
CA ILE C 94 24.26 -7.75 10.05
C ILE C 94 24.08 -7.01 11.34
N ALA C 95 25.12 -6.26 11.75
CA ALA C 95 25.03 -5.46 12.97
C ALA C 95 23.97 -4.36 12.88
N SER C 96 23.86 -3.74 11.72
CA SER C 96 22.79 -2.76 11.47
C SER C 96 21.41 -3.43 11.66
N ALA C 97 21.22 -4.63 11.12
CA ALA C 97 20.01 -5.39 11.30
C ALA C 97 19.73 -5.59 12.78
N ALA C 98 20.75 -5.89 13.59
CA ALA C 98 20.56 -6.08 15.03
C ALA C 98 20.06 -4.83 15.70
N CYS C 99 20.61 -3.69 15.29
CA CYS C 99 20.18 -2.41 15.87
C CYS C 99 18.77 -2.06 15.45
N ASP C 100 18.45 -2.38 14.20
CA ASP C 100 17.07 -2.22 13.71
C ASP C 100 16.10 -3.10 14.51
N ILE C 101 16.49 -4.35 14.82
CA ILE C 101 15.66 -5.20 15.65
C ILE C 101 15.43 -4.61 17.02
N GLN C 102 16.50 -4.17 17.67
CA GLN C 102 16.36 -3.54 19.00
C GLN C 102 15.50 -2.28 18.93
N ALA C 103 15.66 -1.47 17.88
CA ALA C 103 14.85 -0.25 17.74
C ALA C 103 13.37 -0.60 17.75
N VAL C 104 12.96 -1.61 16.98
CA VAL C 104 11.54 -2.00 16.96
C VAL C 104 11.08 -2.47 18.33
N ARG C 105 11.88 -3.31 18.96
CA ARG C 105 11.51 -3.89 20.24
C ARG C 105 11.37 -2.81 21.32
N THR C 106 12.29 -1.86 21.35
CA THR C 106 12.21 -0.81 22.38
C THR C 106 11.16 0.27 22.06
N ARG C 107 11.02 0.65 20.79
CA ARG C 107 10.11 1.74 20.42
C ARG C 107 8.67 1.39 20.16
N ASP C 108 8.41 0.15 19.72
CA ASP C 108 7.05 -0.29 19.38
C ASP C 108 6.44 -1.14 20.48
N PRO C 109 5.42 -0.66 21.19
CA PRO C 109 4.84 -1.46 22.27
C PRO C 109 4.03 -2.66 21.80
N ALA C 110 3.66 -2.75 20.51
CA ALA C 110 3.07 -3.97 19.95
C ALA C 110 4.06 -5.14 19.75
N VAL C 111 5.34 -4.84 19.90
CA VAL C 111 6.42 -5.82 19.74
C VAL C 111 7.21 -5.96 21.06
N ASP C 112 7.15 -7.15 21.67
CA ASP C 112 7.89 -7.42 22.89
C ASP C 112 8.95 -8.52 22.72
N LYS C 113 9.29 -8.89 21.49
CA LYS C 113 10.30 -9.92 21.22
C LYS C 113 11.24 -9.47 20.12
N TYR C 114 12.49 -9.89 20.22
CA TYR C 114 13.48 -9.69 19.19
C TYR C 114 13.18 -10.43 17.89
N SER C 115 12.55 -11.60 18.01
CA SER C 115 12.27 -12.46 16.88
C SER C 115 11.14 -11.92 15.98
N THR C 116 10.20 -11.19 16.55
CA THR C 116 9.04 -10.72 15.77
C THR C 116 9.33 -9.88 14.46
N PRO C 117 10.20 -8.89 14.50
CA PRO C 117 10.62 -8.17 13.31
C PRO C 117 11.27 -9.07 12.28
N LEU C 118 12.16 -9.91 12.75
CA LEU C 118 12.83 -10.87 11.87
C LEU C 118 11.86 -11.85 11.20
N LEU C 119 10.89 -12.32 11.97
CA LEU C 119 9.94 -13.30 11.48
C LEU C 119 8.86 -12.65 10.59
N TYR C 120 8.33 -11.48 10.99
CA TYR C 120 7.00 -11.01 10.46
C TYR C 120 6.88 -9.63 9.88
N LEU C 121 7.73 -8.70 10.33
CA LEU C 121 7.43 -7.29 10.14
C LEU C 121 8.01 -6.81 8.80
N LYS C 122 7.11 -6.51 7.85
CA LYS C 122 7.51 -6.16 6.48
C LYS C 122 8.44 -4.96 6.37
N GLY C 123 8.32 -3.99 7.27
CA GLY C 123 9.18 -2.84 7.27
C GLY C 123 10.61 -3.22 7.60
N PHE C 124 10.78 -4.11 8.59
CA PHE C 124 12.10 -4.64 8.93
C PHE C 124 12.65 -5.41 7.74
N HIS C 125 11.82 -6.28 7.14
CA HIS C 125 12.26 -7.00 5.95
C HIS C 125 12.66 -6.08 4.83
N ALA C 126 11.91 -5.00 4.60
CA ALA C 126 12.23 -4.10 3.48
C ALA C 126 13.53 -3.35 3.74
N LEU C 127 13.71 -2.93 4.98
CA LEU C 127 14.93 -2.30 5.39
C LEU C 127 16.12 -3.23 5.13
N GLN C 128 16.02 -4.49 5.50
CA GLN C 128 17.22 -5.33 5.33
C GLN C 128 17.44 -5.64 3.87
N ALA C 129 16.33 -5.69 3.11
CA ALA C 129 16.39 -5.84 1.66
C ALA C 129 17.09 -4.66 0.96
N TYR C 130 16.77 -3.46 1.40
CA TYR C 130 17.41 -2.27 0.90
C TYR C 130 18.94 -2.35 1.13
N ARG C 131 19.37 -2.84 2.30
CA ARG C 131 20.80 -2.92 2.59
C ARG C 131 21.54 -3.80 1.56
N ILE C 132 20.92 -4.90 1.17
CA ILE C 132 21.46 -5.74 0.10
C ILE C 132 21.52 -5.02 -1.25
N GLY C 133 20.40 -4.43 -1.64
CA GLY C 133 20.36 -3.67 -2.88
C GLY C 133 21.36 -2.54 -2.91
N HIS C 134 21.55 -1.85 -1.77
CA HIS C 134 22.52 -0.76 -1.62
C HIS C 134 23.96 -1.25 -1.80
N TRP C 135 24.28 -2.41 -1.23
CA TRP C 135 25.57 -3.04 -1.37
C TRP C 135 25.77 -3.40 -2.82
N LEU C 136 24.75 -3.95 -3.47
CA LEU C 136 24.82 -4.27 -4.88
C LEU C 136 25.04 -3.01 -5.74
N TRP C 137 24.30 -1.94 -5.42
CA TRP C 137 24.41 -0.69 -6.16
C TRP C 137 25.87 -0.17 -6.11
N ASN C 138 26.47 -0.22 -4.93
CA ASN C 138 27.84 0.30 -4.71
C ASN C 138 28.92 -0.58 -5.37
N GLN C 139 28.61 -1.85 -5.61
CA GLN C 139 29.46 -2.76 -6.36
C GLN C 139 29.32 -2.64 -7.87
N GLY C 140 28.40 -1.79 -8.33
CA GLY C 140 28.13 -1.60 -9.75
C GLY C 140 27.03 -2.47 -10.34
N ARG C 141 26.43 -3.32 -9.52
CA ARG C 141 25.42 -4.25 -10.00
C ARG C 141 24.04 -3.61 -9.80
N ARG C 142 23.80 -2.60 -10.64
CA ARG C 142 22.65 -1.73 -10.55
C ARG C 142 21.38 -2.32 -11.11
N ALA C 143 21.50 -3.12 -12.16
CA ALA C 143 20.36 -3.75 -12.77
C ALA C 143 19.65 -4.65 -11.74
N LEU C 144 20.46 -5.41 -11.00
CA LEU C 144 19.97 -6.31 -9.97
C LEU C 144 19.46 -5.49 -8.78
N ALA C 145 20.14 -4.40 -8.44
CA ALA C 145 19.68 -3.54 -7.36
C ALA C 145 18.30 -2.94 -7.62
N ILE C 146 18.07 -2.55 -8.86
CA ILE C 146 16.82 -1.91 -9.29
C ILE C 146 15.69 -2.94 -9.38
N PHE C 147 16.01 -4.16 -9.81
CA PHE C 147 15.07 -5.27 -9.83
C PHE C 147 14.56 -5.53 -8.38
N LEU C 148 15.47 -5.60 -7.43
CA LEU C 148 15.14 -5.90 -6.05
C LEU C 148 14.37 -4.77 -5.37
N GLN C 149 14.74 -3.52 -5.63
CA GLN C 149 13.99 -2.35 -5.18
C GLN C 149 12.51 -2.53 -5.54
N ASN C 150 12.25 -2.87 -6.80
CA ASN C 150 10.88 -2.92 -7.31
C ASN C 150 10.12 -4.18 -6.87
N GLN C 151 10.84 -5.29 -6.71
CA GLN C 151 10.27 -6.47 -6.09
C GLN C 151 9.89 -6.21 -4.63
N VAL C 152 10.70 -5.44 -3.89
CA VAL C 152 10.41 -5.13 -2.49
C VAL C 152 9.19 -4.17 -2.41
N SER C 153 9.02 -3.33 -3.40
CA SER C 153 7.87 -2.43 -3.47
C SER C 153 6.56 -3.20 -3.66
N VAL C 154 6.58 -4.16 -4.56
CA VAL C 154 5.40 -5.02 -4.79
C VAL C 154 5.08 -5.94 -3.58
N THR C 155 6.14 -6.51 -3.00
CA THR C 155 6.00 -7.60 -2.02
C THR C 155 5.71 -7.05 -0.63
N PHE C 156 6.41 -6.01 -0.24
CA PHE C 156 6.33 -5.40 1.07
C PHE C 156 5.76 -3.97 1.10
N GLN C 157 5.49 -3.44 -0.07
CA GLN C 157 4.86 -2.14 -0.25
C GLN C 157 5.73 -1.00 0.26
N VAL C 158 7.05 -1.22 0.21
CA VAL C 158 8.06 -0.21 0.61
C VAL C 158 8.94 0.03 -0.58
N ASP C 159 9.10 1.28 -0.98
CA ASP C 159 9.84 1.58 -2.19
C ASP C 159 11.05 2.44 -1.87
N ILE C 160 12.21 1.81 -1.73
CA ILE C 160 13.45 2.50 -1.32
C ILE C 160 14.43 2.39 -2.45
N HIS C 161 14.87 3.53 -2.97
CA HIS C 161 15.87 3.49 -4.04
C HIS C 161 17.18 2.95 -3.46
N PRO C 162 17.87 2.04 -4.15
CA PRO C 162 19.10 1.46 -3.58
C PRO C 162 20.25 2.47 -3.34
N ALA C 163 20.26 3.62 -4.04
CA ALA C 163 21.26 4.68 -3.81
C ALA C 163 21.01 5.52 -2.59
N ALA C 164 19.84 5.38 -1.96
CA ALA C 164 19.62 6.03 -0.68
C ALA C 164 20.67 5.54 0.33
N LYS C 165 20.98 6.41 1.28
CA LYS C 165 21.94 6.13 2.34
C LYS C 165 21.23 6.11 3.67
N ILE C 166 21.10 4.94 4.28
CA ILE C 166 20.25 4.74 5.43
C ILE C 166 21.08 4.10 6.52
N GLY C 167 21.01 4.68 7.71
CA GLY C 167 21.80 4.21 8.84
C GLY C 167 21.17 3.02 9.54
N ARG C 168 21.36 2.93 10.85
CA ARG C 168 20.92 1.76 11.64
C ARG C 168 20.15 2.24 12.85
N GLY C 169 19.51 1.32 13.57
CA GLY C 169 18.56 1.73 14.59
C GLY C 169 17.31 2.38 13.99
N ILE C 170 16.92 1.92 12.79
CA ILE C 170 15.75 2.48 12.09
C ILE C 170 14.55 1.57 12.30
N MSE C 171 13.44 2.17 12.63
CA MSE C 171 12.15 1.50 12.70
C MSE C 171 11.26 2.00 11.56
O MSE C 171 11.05 3.22 11.44
CB MSE C 171 11.47 1.81 14.02
CG MSE C 171 10.03 1.33 14.00
SE MSE C 171 9.15 1.15 15.67
CE MSE C 171 8.80 3.11 16.08
N LEU C 172 10.78 1.09 10.75
CA LEU C 172 9.74 1.37 9.74
C LEU C 172 8.47 0.67 10.18
N ASP C 173 7.72 1.27 11.09
CA ASP C 173 6.57 0.58 11.74
C ASP C 173 5.41 0.58 10.72
N HIS C 174 4.77 -0.60 10.57
CA HIS C 174 3.65 -0.84 9.62
C HIS C 174 4.08 -0.79 8.16
N ALA C 175 4.67 0.34 7.77
CA ALA C 175 5.52 0.48 6.58
C ALA C 175 4.84 0.58 5.17
N THR C 176 3.57 0.18 5.05
CA THR C 176 2.93 0.28 3.75
C THR C 176 2.88 1.70 3.17
N GLY C 177 3.26 1.83 1.91
CA GLY C 177 3.37 3.12 1.25
C GLY C 177 4.58 3.99 1.53
N ILE C 178 5.59 3.49 2.24
CA ILE C 178 6.83 4.25 2.45
C ILE C 178 7.54 4.31 1.12
N VAL C 179 8.02 5.52 0.77
CA VAL C 179 8.82 5.80 -0.42
C VAL C 179 10.05 6.63 0.03
N VAL C 180 11.23 6.19 -0.42
CA VAL C 180 12.48 6.85 -0.12
C VAL C 180 13.25 6.87 -1.41
N GLY C 181 13.52 8.08 -1.89
CA GLY C 181 14.14 8.21 -3.18
C GLY C 181 15.66 8.21 -3.21
N GLU C 182 16.16 8.41 -4.41
CA GLU C 182 17.53 8.16 -4.79
C GLU C 182 18.60 8.92 -3.98
N THR C 183 18.36 10.18 -3.65
CA THR C 183 19.40 10.99 -2.96
C THR C 183 19.10 11.25 -1.51
N ALA C 184 18.19 10.43 -0.95
CA ALA C 184 17.83 10.60 0.43
C ALA C 184 18.93 10.08 1.31
N VAL C 185 18.95 10.57 2.52
CA VAL C 185 19.84 10.13 3.56
C VAL C 185 18.97 10.04 4.80
N ILE C 186 19.13 8.96 5.56
CA ILE C 186 18.47 8.79 6.84
C ILE C 186 19.56 8.38 7.78
N GLU C 187 19.74 9.13 8.84
CA GLU C 187 20.80 8.82 9.79
C GLU C 187 20.31 7.81 10.81
N ASN C 188 21.20 7.45 11.74
CA ASN C 188 20.88 6.43 12.75
C ASN C 188 19.72 6.87 13.59
N ASP C 189 19.03 5.91 14.19
CA ASP C 189 18.03 6.18 15.22
C ASP C 189 16.89 7.08 14.75
N VAL C 190 16.35 6.73 13.58
CA VAL C 190 15.19 7.39 13.00
C VAL C 190 13.99 6.44 12.99
N SER C 191 12.82 6.98 13.31
CA SER C 191 11.56 6.24 13.38
C SER C 191 10.56 6.86 12.37
N ILE C 192 10.12 6.02 11.44
CA ILE C 192 9.27 6.35 10.33
C ILE C 192 8.07 5.41 10.31
N LEU C 193 6.90 6.00 10.08
CA LEU C 193 5.65 5.27 10.04
C LEU C 193 5.16 5.05 8.64
N GLN C 194 4.05 4.34 8.55
CA GLN C 194 3.42 4.07 7.26
C GLN C 194 3.20 5.33 6.42
N SER C 195 3.33 5.16 5.12
CA SER C 195 2.91 6.15 4.14
C SER C 195 3.73 7.43 4.21
N VAL C 196 4.97 7.30 4.71
CA VAL C 196 5.92 8.41 4.73
C VAL C 196 6.63 8.44 3.42
N THR C 197 6.68 9.61 2.80
CA THR C 197 7.48 9.80 1.57
C THR C 197 8.68 10.71 1.88
N LEU C 198 9.87 10.28 1.52
CA LEU C 198 11.02 11.16 1.44
C LEU C 198 11.29 11.29 -0.04
N GLY C 199 10.67 12.32 -0.62
CA GLY C 199 10.47 12.42 -2.04
C GLY C 199 11.24 13.52 -2.77
N GLY C 200 11.32 13.34 -4.08
CA GLY C 200 12.03 14.23 -4.93
C GLY C 200 11.17 15.37 -5.42
N THR C 201 11.84 16.25 -6.14
CA THR C 201 11.20 17.31 -6.89
C THR C 201 12.01 17.52 -8.16
N GLY C 202 11.32 17.90 -9.25
CA GLY C 202 11.95 18.15 -10.54
C GLY C 202 12.12 16.89 -11.35
N LYS C 203 12.56 17.07 -12.61
CA LYS C 203 12.77 16.01 -13.55
C LYS C 203 14.25 15.81 -13.90
N SER C 204 15.12 16.53 -13.21
CA SER C 204 16.57 16.40 -13.41
C SER C 204 17.21 15.63 -12.27
N GLY C 205 18.27 14.91 -12.61
CA GLY C 205 19.19 14.28 -11.66
C GLY C 205 19.77 15.30 -10.70
N GLY C 206 20.49 14.84 -9.71
CA GLY C 206 21.03 15.74 -8.71
C GLY C 206 20.33 15.59 -7.40
N ASP C 207 20.98 16.12 -6.38
CA ASP C 207 20.45 16.14 -5.04
C ASP C 207 19.07 16.76 -4.97
N ARG C 208 18.09 15.98 -4.55
CA ARG C 208 16.69 16.40 -4.59
C ARG C 208 15.79 15.69 -3.58
N HIS C 209 16.39 14.98 -2.62
CA HIS C 209 15.63 14.24 -1.60
C HIS C 209 16.08 14.65 -0.22
N PRO C 210 15.21 14.41 0.76
CA PRO C 210 15.44 14.81 2.13
C PRO C 210 16.67 14.21 2.77
N LYS C 211 17.13 14.91 3.79
CA LYS C 211 18.27 14.54 4.58
C LYS C 211 17.73 14.48 5.94
N ILE C 212 17.57 13.28 6.48
CA ILE C 212 16.93 13.09 7.77
C ILE C 212 18.01 12.75 8.78
N ARG C 213 18.12 13.59 9.78
CA ARG C 213 19.20 13.44 10.73
C ARG C 213 18.78 12.58 11.90
N GLU C 214 19.78 12.28 12.70
CA GLU C 214 19.68 11.37 13.80
C GLU C 214 18.62 11.80 14.77
N GLY C 215 17.84 10.84 15.25
CA GLY C 215 16.88 11.10 16.31
C GLY C 215 15.50 11.52 15.87
N VAL C 216 15.34 11.79 14.58
CA VAL C 216 14.07 12.28 14.01
C VAL C 216 12.97 11.23 14.02
N MSE C 217 11.80 11.63 14.49
CA MSE C 217 10.54 10.87 14.33
C MSE C 217 9.67 11.46 13.24
O MSE C 217 9.47 12.68 13.22
CB MSE C 217 9.75 10.90 15.62
CG MSE C 217 8.56 9.94 15.71
SE MSE C 217 7.11 10.66 16.84
CE MSE C 217 8.14 11.81 17.98
N ILE C 218 9.11 10.59 12.36
CA ILE C 218 8.21 10.99 11.29
C ILE C 218 6.90 10.20 11.38
N GLY C 219 5.83 10.94 11.68
CA GLY C 219 4.50 10.43 11.74
C GLY C 219 3.93 9.97 10.43
N ALA C 220 2.90 9.16 10.56
CA ALA C 220 2.25 8.48 9.44
C ALA C 220 1.78 9.47 8.40
N GLY C 221 2.03 9.17 7.14
CA GLY C 221 1.58 10.04 6.07
C GLY C 221 2.42 11.29 5.77
N ALA C 222 3.47 11.57 6.54
CA ALA C 222 4.28 12.78 6.25
C ALA C 222 4.87 12.65 4.89
N LYS C 223 4.88 13.77 4.15
CA LYS C 223 5.63 13.89 2.91
C LYS C 223 6.69 14.94 3.16
N ILE C 224 7.93 14.61 2.87
CA ILE C 224 9.03 15.53 3.01
C ILE C 224 9.63 15.53 1.65
N LEU C 225 9.66 16.70 1.00
CA LEU C 225 10.05 16.75 -0.42
C LEU C 225 11.22 17.71 -0.71
N GLY C 226 12.10 17.28 -1.61
CA GLY C 226 13.23 18.08 -2.03
C GLY C 226 14.45 17.88 -1.18
N ASN C 227 15.55 18.54 -1.60
CA ASN C 227 16.82 18.39 -0.89
C ASN C 227 16.87 19.30 0.31
N ILE C 228 16.16 18.93 1.36
CA ILE C 228 16.02 19.74 2.56
C ILE C 228 16.43 18.95 3.79
N GLU C 229 16.79 19.68 4.83
CA GLU C 229 17.31 19.09 6.06
C GLU C 229 16.18 18.91 7.00
N VAL C 230 16.12 17.79 7.70
CA VAL C 230 15.30 17.69 8.90
C VAL C 230 16.32 17.40 10.00
N GLY C 231 16.62 18.44 10.80
CA GLY C 231 17.75 18.40 11.71
C GLY C 231 17.57 17.44 12.88
N ARG C 232 18.67 17.20 13.61
CA ARG C 232 18.69 16.13 14.62
C ARG C 232 17.66 16.40 15.64
N GLY C 233 17.05 15.33 16.17
CA GLY C 233 16.03 15.45 17.18
C GLY C 233 14.72 16.09 16.76
N ALA C 234 14.54 16.44 15.47
CA ALA C 234 13.26 17.02 15.05
C ALA C 234 12.10 16.00 15.06
N LYS C 235 10.88 16.52 15.16
CA LYS C 235 9.66 15.73 15.10
C LYS C 235 8.77 16.22 13.93
N ILE C 236 8.53 15.34 12.94
CA ILE C 236 7.57 15.60 11.85
C ILE C 236 6.22 14.96 12.14
N GLY C 237 5.25 15.79 12.45
CA GLY C 237 3.89 15.38 12.74
C GLY C 237 3.27 14.57 11.59
N ALA C 238 2.39 13.67 11.99
CA ALA C 238 1.68 12.85 11.04
C ALA C 238 0.94 13.75 10.01
N GLY C 239 0.94 13.34 8.76
CA GLY C 239 0.14 14.00 7.73
C GLY C 239 0.69 15.33 7.28
N SER C 240 1.91 15.71 7.67
CA SER C 240 2.55 16.98 7.29
C SER C 240 3.07 16.94 5.88
N VAL C 241 3.17 18.11 5.26
CA VAL C 241 3.85 18.20 3.99
C VAL C 241 4.97 19.20 4.18
N VAL C 242 6.21 18.72 4.18
CA VAL C 242 7.38 19.50 4.59
C VAL C 242 8.13 19.89 3.34
N LEU C 243 8.17 21.19 3.06
CA LEU C 243 8.74 21.75 1.83
C LEU C 243 10.01 22.58 2.09
N GLN C 244 10.23 22.91 3.36
CA GLN C 244 11.35 23.70 3.82
C GLN C 244 12.12 23.02 4.97
N PRO C 245 13.40 23.36 5.12
CA PRO C 245 14.21 22.78 6.18
C PRO C 245 13.60 22.89 7.55
N VAL C 246 13.73 21.84 8.35
CA VAL C 246 13.25 21.80 9.71
C VAL C 246 14.47 21.87 10.65
N PRO C 247 14.55 22.88 11.52
CA PRO C 247 15.71 23.01 12.39
C PRO C 247 15.79 21.85 13.39
N PRO C 248 16.99 21.55 13.89
CA PRO C 248 17.17 20.51 14.93
C PRO C 248 16.24 20.71 16.09
N HIS C 249 15.76 19.64 16.71
CA HIS C 249 14.97 19.72 17.93
C HIS C 249 13.77 20.61 17.83
N THR C 250 13.15 20.52 16.69
CA THR C 250 11.96 21.27 16.37
C THR C 250 10.82 20.30 15.94
N THR C 251 9.58 20.75 16.10
CA THR C 251 8.40 20.02 15.63
C THR C 251 7.72 20.77 14.50
N ALA C 252 7.63 20.13 13.34
CA ALA C 252 6.96 20.64 12.17
C ALA C 252 5.70 19.86 11.92
N ALA C 253 4.65 20.58 11.55
CA ALA C 253 3.34 20.00 11.31
C ALA C 253 2.50 20.92 10.43
N GLY C 254 1.59 20.31 9.67
CA GLY C 254 0.60 21.01 8.88
C GLY C 254 0.86 20.78 7.41
N VAL C 255 -0.05 21.29 6.57
CA VAL C 255 0.08 21.15 5.12
C VAL C 255 -0.04 22.57 4.53
N PRO C 256 1.05 23.22 4.11
CA PRO C 256 2.44 22.76 4.27
C PRO C 256 2.91 22.93 5.72
N ALA C 257 4.04 22.34 6.06
CA ALA C 257 4.50 22.32 7.45
C ALA C 257 5.07 23.66 7.90
N ARG C 258 4.80 24.03 9.12
CA ARG C 258 5.52 25.12 9.75
C ARG C 258 5.95 24.63 11.12
N ILE C 259 6.95 25.28 11.71
CA ILE C 259 7.36 24.95 13.09
C ILE C 259 6.27 25.31 14.07
N VAL C 260 5.88 24.36 14.91
CA VAL C 260 4.80 24.59 15.89
C VAL C 260 5.17 24.33 17.34
N GLY C 261 6.42 23.95 17.58
CA GLY C 261 6.80 23.55 18.93
C GLY C 261 8.17 22.97 18.97
N LYS C 262 8.51 22.38 20.10
CA LYS C 262 9.76 21.62 20.20
C LYS C 262 9.48 20.36 20.98
N PRO C 263 10.05 19.22 20.58
CA PRO C 263 9.76 17.96 21.28
C PRO C 263 10.20 18.00 22.74
N ASP C 264 9.53 17.21 23.57
CA ASP C 264 9.87 17.03 24.96
C ASP C 264 11.06 16.09 25.15
N SER C 265 11.70 15.65 24.07
CA SER C 265 12.85 14.77 24.20
C SER C 265 13.86 15.09 23.13
N ASP C 266 15.11 14.81 23.44
CA ASP C 266 16.24 15.03 22.53
C ASP C 266 16.16 14.22 21.24
N LYS C 267 15.56 13.02 21.35
CA LYS C 267 15.51 12.07 20.26
C LYS C 267 14.08 11.54 20.22
N PRO C 268 13.20 12.29 19.59
CA PRO C 268 11.80 11.90 19.49
C PRO C 268 11.57 10.51 18.86
N SER C 269 12.48 10.05 18.03
CA SER C 269 12.41 8.69 17.51
C SER C 269 12.37 7.60 18.57
N MSE C 270 12.84 7.89 19.78
CA MSE C 270 12.91 6.89 20.85
C MSE C 270 11.62 6.86 21.65
O MSE C 270 11.29 5.84 22.25
CB MSE C 270 14.05 7.14 21.81
CG MSE C 270 15.33 7.61 21.18
SE MSE C 270 16.36 6.14 20.44
CE MSE C 270 17.03 5.41 22.24
N ASP C 271 10.90 7.96 21.68
CA ASP C 271 9.72 8.08 22.53
C ASP C 271 8.39 7.98 21.76
N MSE C 272 8.38 8.27 20.46
CA MSE C 272 7.16 8.10 19.64
C MSE C 272 5.92 8.83 20.20
O MSE C 272 4.80 8.29 20.20
CB MSE C 272 6.81 6.60 19.52
CG MSE C 272 7.96 5.72 19.10
SE MSE C 272 8.78 6.38 17.47
CE MSE C 272 7.14 6.70 16.25
N ASP C 273 6.15 10.04 20.71
CA ASP C 273 5.08 10.95 21.13
C ASP C 273 4.47 11.59 19.85
N GLN C 274 3.24 11.24 19.51
CA GLN C 274 2.69 11.63 18.18
C GLN C 274 2.01 13.01 18.20
N HIS C 275 1.89 13.57 19.39
CA HIS C 275 1.36 14.93 19.61
C HIS C 275 2.14 16.03 18.96
N PHE C 276 1.45 16.99 18.36
CA PHE C 276 2.09 18.20 17.84
C PHE C 276 1.39 19.55 18.11
N ASN C 277 0.99 19.73 19.34
CA ASN C 277 1.05 21.05 20.01
C ASN C 277 2.50 21.57 20.10
N GLY C 278 3.45 20.61 19.94
CA GLY C 278 4.80 20.73 20.42
C GLY C 278 5.50 19.40 20.32
N CYS D . -16.10 3.32 -3.81
CA CYS D . -16.57 4.70 -3.66
C CYS D . -17.35 5.16 -4.92
O CYS D . -17.92 6.25 -4.90
CB CYS D . -15.40 5.65 -3.37
SG CYS D . -14.16 5.81 -4.68
OXT CYS D . -17.34 4.50 -5.95
N CYS E . 10.95 9.48 -8.73
CA CYS E . 11.07 10.92 -8.38
C CYS E . 12.54 11.36 -8.21
O CYS E . 12.89 12.53 -8.01
CB CYS E . 10.31 11.27 -7.12
SG CYS E . 10.92 10.49 -5.58
OXT CYS E . 13.42 10.56 -8.25
N CYS F . 2.97 0.39 16.64
CA CYS F . 2.57 1.54 17.43
C CYS F . 1.75 1.12 18.63
O CYS F . 1.42 1.99 19.45
CB CYS F . 1.78 2.49 16.56
SG CYS F . 0.21 1.82 15.97
OXT CYS F . 1.36 -0.05 18.80
#